data_1VTH
# 
_entry.id   1VTH 
# 
_audit_conform.dict_name       mmcif_pdbx.dic 
_audit_conform.dict_version    5.383 
_audit_conform.dict_location   http://mmcif.pdb.org/dictionaries/ascii/mmcif_pdbx.dic 
# 
loop_
_database_2.database_id 
_database_2.database_code 
_database_2.pdbx_database_accession 
_database_2.pdbx_DOI 
PDB   1VTH         pdb_00001vth 10.2210/pdb1vth/pdb 
NDB   DDF031       ?            ?                   
RCSB  RCSB003041   ?            ?                   
WWPDB D_1000003041 ?            ?                   
# 
loop_
_pdbx_audit_revision_history.ordinal 
_pdbx_audit_revision_history.data_content_type 
_pdbx_audit_revision_history.major_revision 
_pdbx_audit_revision_history.minor_revision 
_pdbx_audit_revision_history.revision_date 
1 'Structure model' 1 0 2011-07-13 
2 'Structure model' 1 1 2023-12-27 
# 
_pdbx_audit_revision_details.ordinal             1 
_pdbx_audit_revision_details.revision_ordinal    1 
_pdbx_audit_revision_details.data_content_type   'Structure model' 
_pdbx_audit_revision_details.provider            repository 
_pdbx_audit_revision_details.type                'Initial release' 
_pdbx_audit_revision_details.description         ? 
_pdbx_audit_revision_details.details             ? 
# 
loop_
_pdbx_audit_revision_group.ordinal 
_pdbx_audit_revision_group.revision_ordinal 
_pdbx_audit_revision_group.data_content_type 
_pdbx_audit_revision_group.group 
1 2 'Structure model' 'Data collection'      
2 2 'Structure model' 'Database references'  
3 2 'Structure model' 'Derived calculations' 
# 
loop_
_pdbx_audit_revision_category.ordinal 
_pdbx_audit_revision_category.revision_ordinal 
_pdbx_audit_revision_category.data_content_type 
_pdbx_audit_revision_category.category 
1 2 'Structure model' chem_comp_atom 
2 2 'Structure model' chem_comp_bond 
3 2 'Structure model' database_2     
4 2 'Structure model' struct_site    
# 
loop_
_pdbx_audit_revision_item.ordinal 
_pdbx_audit_revision_item.revision_ordinal 
_pdbx_audit_revision_item.data_content_type 
_pdbx_audit_revision_item.item 
1 2 'Structure model' '_database_2.pdbx_DOI'                
2 2 'Structure model' '_database_2.pdbx_database_accession' 
3 2 'Structure model' '_struct_site.pdbx_auth_asym_id'      
4 2 'Structure model' '_struct_site.pdbx_auth_comp_id'      
5 2 'Structure model' '_struct_site.pdbx_auth_seq_id'       
# 
_pdbx_database_status.status_code                     REL 
_pdbx_database_status.entry_id                        1VTH 
_pdbx_database_status.recvd_initial_deposition_date   1992-03-01 
_pdbx_database_status.deposit_site                    RCSB 
_pdbx_database_status.process_site                    RCSB 
_pdbx_database_status.SG_entry                        ? 
_pdbx_database_status.status_code_sf                  ? 
_pdbx_database_status.status_code_mr                  ? 
_pdbx_database_status.status_code_cs                  ? 
_pdbx_database_status.pdb_format_compatible           Y 
_pdbx_database_status.status_code_nmr_data            ? 
_pdbx_database_status.methods_development_category    ? 
# 
loop_
_audit_author.name 
_audit_author.pdbx_ordinal 
'Nunn, C.M.'       1 
'Van Meervelt, L.' 2 
'Zhang, S.'        3 
'Moore, M.H.'      4 
'Kennard, O.'      5 
# 
loop_
_citation.id 
_citation.title 
_citation.journal_abbrev 
_citation.journal_volume 
_citation.page_first 
_citation.page_last 
_citation.year 
_citation.journal_id_ASTM 
_citation.country 
_citation.journal_id_ISSN 
_citation.journal_id_CSD 
_citation.book_publisher 
_citation.pdbx_database_id_PubMed 
_citation.pdbx_database_id_DOI 
primary 'DNA-Drug Interactions: The Crystal Structures of d(TGTACA) and d(TGATCA) Complexed with Daunomycin' J.Mol.Biol. 222 167 
177 1991 JMOBAK UK 0022-2836 0070 ? ? ? 
1       'DNA-Drug Interactions: The Crystal Structure of d(CGATCG) Complexed with Daunomycin'                J.Mol.Biol. 206 693 
705 1989 JMOBAK UK 0022-2836 0070 ? ? ? 
# 
loop_
_citation_author.citation_id 
_citation_author.name 
_citation_author.ordinal 
_citation_author.identifier_ORCID 
primary 'Nunn, C.M.'        1 ? 
primary 'Van Meervelt, L.'  2 ? 
primary 'Zhang, S.'         3 ? 
primary 'Moore, M.H.'       4 ? 
primary 'Kennard, O.'       5 ? 
1       'Moore, M.H.'       6 ? 
1       'Hunter, W.N.'      7 ? 
1       
;D'Estaintot, B.L.
;
8 ? 
1       'Kennard, O.'       9 ? 
# 
loop_
_entity.id 
_entity.type 
_entity.src_method 
_entity.pdbx_description 
_entity.formula_weight 
_entity.pdbx_number_of_molecules 
_entity.pdbx_ec 
_entity.pdbx_mutation 
_entity.pdbx_fragment 
_entity.details 
1 polymer     syn 
;DNA (5'-D(*TP*GP*TP*AP*CP*A)-3')
;
1808.229 1  ? ? ? ? 
2 non-polymer syn DAUNOMYCIN                         527.520  1  ? ? ? ? 
3 water       nat water                              18.015   44 ? ? ? ? 
# 
_entity_poly.entity_id                      1 
_entity_poly.type                           polydeoxyribonucleotide 
_entity_poly.nstd_linkage                   no 
_entity_poly.nstd_monomer                   no 
_entity_poly.pdbx_seq_one_letter_code       '(DT)(DG)(DT)(DA)(DC)(DA)' 
_entity_poly.pdbx_seq_one_letter_code_can   TGTACA 
_entity_poly.pdbx_strand_id                 A 
_entity_poly.pdbx_target_identifier         ? 
# 
loop_
_pdbx_entity_nonpoly.entity_id 
_pdbx_entity_nonpoly.name 
_pdbx_entity_nonpoly.comp_id 
2 DAUNOMYCIN DM1 
3 water      HOH 
# 
loop_
_entity_poly_seq.entity_id 
_entity_poly_seq.num 
_entity_poly_seq.mon_id 
_entity_poly_seq.hetero 
1 1 DT n 
1 2 DG n 
1 3 DT n 
1 4 DA n 
1 5 DC n 
1 6 DA n 
# 
loop_
_chem_comp.id 
_chem_comp.type 
_chem_comp.mon_nstd_flag 
_chem_comp.name 
_chem_comp.pdbx_synonyms 
_chem_comp.formula 
_chem_comp.formula_weight 
DA  'DNA linking' y "2'-DEOXYADENOSINE-5'-MONOPHOSPHATE" ?            'C10 H14 N5 O6 P' 331.222 
DC  'DNA linking' y "2'-DEOXYCYTIDINE-5'-MONOPHOSPHATE"  ?            'C9 H14 N3 O7 P'  307.197 
DG  'DNA linking' y "2'-DEOXYGUANOSINE-5'-MONOPHOSPHATE" ?            'C10 H14 N5 O7 P' 347.221 
DM1 non-polymer   . DAUNOMYCIN                           DAUNORUBICIN 'C27 H29 N O10'   527.520 
DT  'DNA linking' y "THYMIDINE-5'-MONOPHOSPHATE"         ?            'C10 H15 N2 O8 P' 322.208 
HOH non-polymer   . WATER                                ?            'H2 O'            18.015  
# 
loop_
_pdbx_poly_seq_scheme.asym_id 
_pdbx_poly_seq_scheme.entity_id 
_pdbx_poly_seq_scheme.seq_id 
_pdbx_poly_seq_scheme.mon_id 
_pdbx_poly_seq_scheme.ndb_seq_num 
_pdbx_poly_seq_scheme.pdb_seq_num 
_pdbx_poly_seq_scheme.auth_seq_num 
_pdbx_poly_seq_scheme.pdb_mon_id 
_pdbx_poly_seq_scheme.auth_mon_id 
_pdbx_poly_seq_scheme.pdb_strand_id 
_pdbx_poly_seq_scheme.pdb_ins_code 
_pdbx_poly_seq_scheme.hetero 
A 1 1 DT 1 1 1 DT T A . n 
A 1 2 DG 2 2 2 DG G A . n 
A 1 3 DT 3 3 3 DT T A . n 
A 1 4 DA 4 4 4 DA A A . n 
A 1 5 DC 5 5 5 DC C A . n 
A 1 6 DA 6 6 6 DA A A . n 
# 
loop_
_pdbx_nonpoly_scheme.asym_id 
_pdbx_nonpoly_scheme.entity_id 
_pdbx_nonpoly_scheme.mon_id 
_pdbx_nonpoly_scheme.ndb_seq_num 
_pdbx_nonpoly_scheme.pdb_seq_num 
_pdbx_nonpoly_scheme.auth_seq_num 
_pdbx_nonpoly_scheme.pdb_mon_id 
_pdbx_nonpoly_scheme.auth_mon_id 
_pdbx_nonpoly_scheme.pdb_strand_id 
_pdbx_nonpoly_scheme.pdb_ins_code 
B 2 DM1 1  7  7  DM1 DM1 A . 
C 3 HOH 1  8  8  HOH HOH A . 
C 3 HOH 2  9  9  HOH HOH A . 
C 3 HOH 3  10 10 HOH HOH A . 
C 3 HOH 4  11 11 HOH HOH A . 
C 3 HOH 5  12 12 HOH HOH A . 
C 3 HOH 6  13 13 HOH HOH A . 
C 3 HOH 7  14 14 HOH HOH A . 
C 3 HOH 8  15 15 HOH HOH A . 
C 3 HOH 9  16 16 HOH HOH A . 
C 3 HOH 10 17 17 HOH HOH A . 
C 3 HOH 11 18 18 HOH HOH A . 
C 3 HOH 12 19 19 HOH HOH A . 
C 3 HOH 13 20 20 HOH HOH A . 
C 3 HOH 14 21 21 HOH HOH A . 
C 3 HOH 15 22 22 HOH HOH A . 
C 3 HOH 16 23 23 HOH HOH A . 
C 3 HOH 17 24 24 HOH HOH A . 
C 3 HOH 18 25 25 HOH HOH A . 
C 3 HOH 19 26 26 HOH HOH A . 
C 3 HOH 20 27 27 HOH HOH A . 
C 3 HOH 21 28 28 HOH HOH A . 
C 3 HOH 22 29 29 HOH HOH A . 
C 3 HOH 23 30 30 HOH HOH A . 
C 3 HOH 24 31 31 HOH HOH A . 
C 3 HOH 25 32 32 HOH HOH A . 
C 3 HOH 26 33 33 HOH HOH A . 
C 3 HOH 27 34 34 HOH HOH A . 
C 3 HOH 28 35 35 HOH HOH A . 
C 3 HOH 29 36 36 HOH HOH A . 
C 3 HOH 30 37 37 HOH HOH A . 
C 3 HOH 31 38 38 HOH HOH A . 
C 3 HOH 32 39 39 HOH HOH A . 
C 3 HOH 33 40 40 HOH HOH A . 
C 3 HOH 34 41 41 HOH HOH A . 
C 3 HOH 35 42 42 HOH HOH A . 
C 3 HOH 36 43 43 HOH HOH A . 
C 3 HOH 37 44 44 HOH HOH A . 
C 3 HOH 38 45 45 HOH HOH A . 
C 3 HOH 39 46 46 HOH HOH A . 
C 3 HOH 40 47 47 HOH HOH A . 
C 3 HOH 41 48 48 HOH HOH A . 
C 3 HOH 42 49 49 HOH HOH A . 
C 3 HOH 43 50 50 HOH HOH A . 
C 3 HOH 44 51 51 HOH HOH A . 
# 
_software.name             NUCLSQ 
_software.classification   refinement 
_software.version          . 
_software.citation_id      ? 
_software.pdbx_ordinal     1 
# 
_cell.entry_id           1VTH 
_cell.length_a           28.020 
_cell.length_b           28.020 
_cell.length_c           52.710 
_cell.angle_alpha        90.00 
_cell.angle_beta         90.00 
_cell.angle_gamma        90.00 
_cell.Z_PDB              8 
_cell.pdbx_unique_axis   ? 
_cell.length_a_esd       ? 
_cell.length_b_esd       ? 
_cell.length_c_esd       ? 
_cell.angle_alpha_esd    ? 
_cell.angle_beta_esd     ? 
_cell.angle_gamma_esd    ? 
# 
_symmetry.entry_id                         1VTH 
_symmetry.space_group_name_H-M             'P 41 21 2' 
_symmetry.pdbx_full_space_group_name_H-M   ? 
_symmetry.cell_setting                     ? 
_symmetry.Int_Tables_number                92 
_symmetry.space_group_name_Hall            ? 
# 
_exptl.entry_id          1VTH 
_exptl.method            'X-RAY DIFFRACTION' 
_exptl.crystals_number   ? 
# 
_exptl_crystal.id                    1 
_exptl_crystal.density_meas          ? 
_exptl_crystal.density_percent_sol   57.00 
_exptl_crystal.density_Matthews      2.86 
_exptl_crystal.description           ? 
_exptl_crystal.F_000                 ? 
_exptl_crystal.preparation           ? 
# 
_exptl_crystal_grow.crystal_id      1 
_exptl_crystal_grow.method          'VAPOR DIFFUSION' 
_exptl_crystal_grow.temp            293.00 
_exptl_crystal_grow.temp_details    ? 
_exptl_crystal_grow.pH              6.50 
_exptl_crystal_grow.pdbx_details    'pH 6.50, VAPOR DIFFUSION, temperature 293.00K' 
_exptl_crystal_grow.pdbx_pH_range   ? 
# 
loop_
_exptl_crystal_grow_comp.crystal_id 
_exptl_crystal_grow_comp.id 
_exptl_crystal_grow_comp.sol_id 
_exptl_crystal_grow_comp.name 
_exptl_crystal_grow_comp.volume 
_exptl_crystal_grow_comp.conc 
_exptl_crystal_grow_comp.details 
1 1 1 WATER           1  2  3  
1 2 1 MPD             4  5  6  
1 3 1 'MG ACETATE'    7  8  9  
1 4 1 SPERMINE_HCL    10 11 12 
1 5 1 'NA CACODYLATE' 13 14 15 
1 6 2 WATER           16 17 18 
1 7 2 MPD             19 20 21 
# 
_diffrn.id                     1 
_diffrn.ambient_temp           275.00 
_diffrn.ambient_temp_details   ? 
_diffrn.crystal_id             1 
# 
_diffrn_detector.diffrn_id              1 
_diffrn_detector.detector               DIFFRACTOMETER 
_diffrn_detector.type                   'SYNTEX P21' 
_diffrn_detector.pdbx_collection_date   ? 
_diffrn_detector.details                ? 
# 
_diffrn_radiation.diffrn_id                        1 
_diffrn_radiation.wavelength_id                    1 
_diffrn_radiation.pdbx_monochromatic_or_laue_m_l   M 
_diffrn_radiation.monochromator                    ? 
_diffrn_radiation.pdbx_diffrn_protocol             'SINGLE WAVELENGTH' 
_diffrn_radiation.pdbx_scattering_type             x-ray 
# 
_diffrn_radiation_wavelength.id           1 
_diffrn_radiation_wavelength.wavelength   . 
_diffrn_radiation_wavelength.wt           1.0 
# 
_diffrn_source.diffrn_id                   1 
_diffrn_source.source                      ? 
_diffrn_source.type                        ? 
_diffrn_source.pdbx_synchrotron_site       ? 
_diffrn_source.pdbx_synchrotron_beamline   ? 
_diffrn_source.pdbx_wavelength             ? 
_diffrn_source.pdbx_wavelength_list        ? 
# 
_reflns.entry_id                     1VTH 
_reflns.observed_criterion_sigma_I   0.000 
_reflns.observed_criterion_sigma_F   ? 
_reflns.d_resolution_low             ? 
_reflns.d_resolution_high            1.500 
_reflns.number_obs                   4852 
_reflns.number_all                   ? 
_reflns.percent_possible_obs         ? 
_reflns.pdbx_Rmerge_I_obs            ? 
_reflns.pdbx_Rsym_value              ? 
_reflns.pdbx_netI_over_sigmaI        ? 
_reflns.B_iso_Wilson_estimate        ? 
_reflns.pdbx_redundancy              ? 
_reflns.R_free_details               ? 
_reflns.pdbx_ordinal                 1 
_reflns.pdbx_diffrn_id               1 
_reflns.pdbx_chi_squared             ? 
_reflns.pdbx_scaling_rejects         ? 
# 
_refine.entry_id                                 1VTH 
_refine.ls_number_reflns_obs                     1811 
_refine.ls_number_reflns_all                     ? 
_refine.pdbx_ls_sigma_I                          ? 
_refine.pdbx_ls_sigma_F                          3.000 
_refine.pdbx_data_cutoff_high_absF               ? 
_refine.pdbx_data_cutoff_low_absF                ? 
_refine.pdbx_data_cutoff_high_rms_absF           ? 
_refine.ls_d_res_low                             10.000 
_refine.ls_d_res_high                            1.600 
_refine.ls_percent_reflns_obs                    ? 
_refine.ls_R_factor_obs                          0.2500000 
_refine.ls_R_factor_all                          ? 
_refine.ls_R_factor_R_work                       ? 
_refine.ls_R_factor_R_free                       ? 
_refine.ls_R_factor_R_free_error                 ? 
_refine.ls_R_factor_R_free_error_details         ? 
_refine.ls_percent_reflns_R_free                 ? 
_refine.ls_number_reflns_R_free                  ? 
_refine.ls_number_parameters                     ? 
_refine.ls_number_restraints                     ? 
_refine.occupancy_min                            ? 
_refine.occupancy_max                            ? 
_refine.B_iso_mean                               ? 
_refine.aniso_B[1][1]                            ? 
_refine.aniso_B[2][2]                            ? 
_refine.aniso_B[3][3]                            ? 
_refine.aniso_B[1][2]                            ? 
_refine.aniso_B[1][3]                            ? 
_refine.aniso_B[2][3]                            ? 
_refine.solvent_model_details                    ? 
_refine.solvent_model_param_ksol                 ? 
_refine.solvent_model_param_bsol                 ? 
_refine.pdbx_ls_cross_valid_method               ? 
_refine.details                                  ? 
_refine.pdbx_starting_model                      ? 
_refine.pdbx_method_to_determine_struct          ? 
_refine.pdbx_isotropic_thermal_model             ? 
_refine.pdbx_stereochemistry_target_values       ? 
_refine.pdbx_stereochem_target_val_spec_case     ? 
_refine.pdbx_R_Free_selection_details            ? 
_refine.pdbx_overall_ESU_R_Free                  ? 
_refine.overall_SU_ML                            ? 
_refine.overall_SU_B                             ? 
_refine.ls_redundancy_reflns_obs                 ? 
_refine.correlation_coeff_Fo_to_Fc               ? 
_refine.correlation_coeff_Fo_to_Fc_free          ? 
_refine.overall_SU_R_Cruickshank_DPI             ? 
_refine.overall_SU_R_free                        ? 
_refine.pdbx_diffrn_id                           1 
_refine.pdbx_refine_id                           'X-RAY DIFFRACTION' 
_refine.pdbx_overall_phase_error                 ? 
_refine.pdbx_solvent_vdw_probe_radii             ? 
_refine.pdbx_solvent_ion_probe_radii             ? 
_refine.pdbx_solvent_shrinkage_radii             ? 
_refine.ls_wR_factor_R_free                      ? 
_refine.ls_wR_factor_R_work                      ? 
_refine.overall_FOM_free_R_set                   ? 
_refine.overall_FOM_work_R_set                   ? 
_refine.pdbx_overall_ESU_R                       ? 
_refine.pdbx_TLS_residual_ADP_flag               ? 
_refine.pdbx_overall_SU_R_free_Cruickshank_DPI   ? 
_refine.pdbx_overall_SU_R_Blow_DPI               ? 
_refine.pdbx_overall_SU_R_free_Blow_DPI          ? 
# 
_refine_hist.pdbx_refine_id                   'X-RAY DIFFRACTION' 
_refine_hist.cycle_id                         LAST 
_refine_hist.pdbx_number_atoms_protein        0 
_refine_hist.pdbx_number_atoms_nucleic_acid   120 
_refine_hist.pdbx_number_atoms_ligand         38 
_refine_hist.number_atoms_solvent             44 
_refine_hist.number_atoms_total               202 
_refine_hist.d_res_high                       1.600 
_refine_hist.d_res_low                        10.000 
# 
_struct.entry_id                  1VTH 
_struct.title                     'DNA-DRUG INTERACTIONS: THE CRYSTAL STRUCTURES OF D(TGTACA) COMPLEXED WITH DAUNOMYCIN' 
_struct.pdbx_model_details        ? 
_struct.pdbx_CASP_flag            ? 
_struct.pdbx_model_type_details   ? 
# 
_struct_keywords.entry_id        1VTH 
_struct_keywords.pdbx_keywords   DNA 
_struct_keywords.text            'RIGHT HANDED DNA, DOUBLE HELIX, COMPLEXED WITH DRUG, DNA' 
# 
loop_
_struct_asym.id 
_struct_asym.pdbx_blank_PDB_chainid_flag 
_struct_asym.pdbx_modified 
_struct_asym.entity_id 
_struct_asym.details 
A N N 1 ? 
B N N 2 ? 
C N N 3 ? 
# 
_struct_ref.id                         1 
_struct_ref.db_name                    PDB 
_struct_ref.db_code                    1VTH 
_struct_ref.pdbx_db_accession          1VTH 
_struct_ref.entity_id                  1 
_struct_ref.pdbx_align_begin           ? 
_struct_ref.pdbx_seq_one_letter_code   ? 
_struct_ref.pdbx_db_isoform            ? 
# 
_struct_ref_seq.align_id                      1 
_struct_ref_seq.ref_id                        1 
_struct_ref_seq.pdbx_PDB_id_code              1VTH 
_struct_ref_seq.pdbx_strand_id                A 
_struct_ref_seq.seq_align_beg                 1 
_struct_ref_seq.pdbx_seq_align_beg_ins_code   ? 
_struct_ref_seq.seq_align_end                 6 
_struct_ref_seq.pdbx_seq_align_end_ins_code   ? 
_struct_ref_seq.pdbx_db_accession             1VTH 
_struct_ref_seq.db_align_beg                  1 
_struct_ref_seq.pdbx_db_align_beg_ins_code    ? 
_struct_ref_seq.db_align_end                  6 
_struct_ref_seq.pdbx_db_align_end_ins_code    ? 
_struct_ref_seq.pdbx_auth_seq_align_beg       1 
_struct_ref_seq.pdbx_auth_seq_align_end       6 
# 
_pdbx_struct_assembly.id                   1 
_pdbx_struct_assembly.details              author_defined_assembly 
_pdbx_struct_assembly.method_details       ? 
_pdbx_struct_assembly.oligomeric_details   dimeric 
_pdbx_struct_assembly.oligomeric_count     2 
# 
_pdbx_struct_assembly_gen.assembly_id       1 
_pdbx_struct_assembly_gen.oper_expression   1,2 
_pdbx_struct_assembly_gen.asym_id_list      A,B,C 
# 
loop_
_pdbx_struct_oper_list.id 
_pdbx_struct_oper_list.type 
_pdbx_struct_oper_list.name 
_pdbx_struct_oper_list.symmetry_operation 
_pdbx_struct_oper_list.matrix[1][1] 
_pdbx_struct_oper_list.matrix[1][2] 
_pdbx_struct_oper_list.matrix[1][3] 
_pdbx_struct_oper_list.vector[1] 
_pdbx_struct_oper_list.matrix[2][1] 
_pdbx_struct_oper_list.matrix[2][2] 
_pdbx_struct_oper_list.matrix[2][3] 
_pdbx_struct_oper_list.vector[2] 
_pdbx_struct_oper_list.matrix[3][1] 
_pdbx_struct_oper_list.matrix[3][2] 
_pdbx_struct_oper_list.matrix[3][3] 
_pdbx_struct_oper_list.vector[3] 
1 'identity operation'         1_555 x,y,z            1.0000000000 0.0000000000 0.0000000000  0.0000000000  0.0000000000 1.0000000000  0.0000000000  0.0000000000 0.0000000000  0.0000000000  1.0000000000  0.0000000000 
2 'crystal symmetry operation' 8_665 -y+1,-x+1,-z+1/2 0.5078556968 0.3941698053 -0.7659717722 -1.4303092790 0.3941698053 -0.8969597451 -0.2002333147 6.3424689002 -0.7659717722 -0.2002333147 -0.6108959518 0.4482015519 
# 
_struct_biol.id                    1 
_struct_biol.pdbx_parent_biol_id   ? 
_struct_biol.details               ? 
# 
loop_
_struct_conn.id 
_struct_conn.conn_type_id 
_struct_conn.pdbx_leaving_atom_flag 
_struct_conn.pdbx_PDB_id 
_struct_conn.ptnr1_label_asym_id 
_struct_conn.ptnr1_label_comp_id 
_struct_conn.ptnr1_label_seq_id 
_struct_conn.ptnr1_label_atom_id 
_struct_conn.pdbx_ptnr1_label_alt_id 
_struct_conn.pdbx_ptnr1_PDB_ins_code 
_struct_conn.pdbx_ptnr1_standard_comp_id 
_struct_conn.ptnr1_symmetry 
_struct_conn.ptnr2_label_asym_id 
_struct_conn.ptnr2_label_comp_id 
_struct_conn.ptnr2_label_seq_id 
_struct_conn.ptnr2_label_atom_id 
_struct_conn.pdbx_ptnr2_label_alt_id 
_struct_conn.pdbx_ptnr2_PDB_ins_code 
_struct_conn.ptnr1_auth_asym_id 
_struct_conn.ptnr1_auth_comp_id 
_struct_conn.ptnr1_auth_seq_id 
_struct_conn.ptnr2_auth_asym_id 
_struct_conn.ptnr2_auth_comp_id 
_struct_conn.ptnr2_auth_seq_id 
_struct_conn.ptnr2_symmetry 
_struct_conn.pdbx_ptnr3_label_atom_id 
_struct_conn.pdbx_ptnr3_label_seq_id 
_struct_conn.pdbx_ptnr3_label_comp_id 
_struct_conn.pdbx_ptnr3_label_asym_id 
_struct_conn.pdbx_ptnr3_label_alt_id 
_struct_conn.pdbx_ptnr3_PDB_ins_code 
_struct_conn.details 
_struct_conn.pdbx_dist_value 
_struct_conn.pdbx_value_order 
_struct_conn.pdbx_role 
hydrog1  hydrog ? ? A DT 1 N3 ? ? ? 1_555 A DA 6 N1 ? ? A DT 1 A DA 6 8_665 ? ? ? ? ? ? WATSON-CRICK ? ? ? 
hydrog2  hydrog ? ? A DT 1 O4 ? ? ? 1_555 A DA 6 N6 ? ? A DT 1 A DA 6 8_665 ? ? ? ? ? ? WATSON-CRICK ? ? ? 
hydrog3  hydrog ? ? A DG 2 N1 ? ? ? 1_555 A DC 5 N3 ? ? A DG 2 A DC 5 8_665 ? ? ? ? ? ? WATSON-CRICK ? ? ? 
hydrog4  hydrog ? ? A DG 2 N2 ? ? ? 1_555 A DC 5 O2 ? ? A DG 2 A DC 5 8_665 ? ? ? ? ? ? WATSON-CRICK ? ? ? 
hydrog5  hydrog ? ? A DG 2 O6 ? ? ? 1_555 A DC 5 N4 ? ? A DG 2 A DC 5 8_665 ? ? ? ? ? ? WATSON-CRICK ? ? ? 
hydrog6  hydrog ? ? A DT 3 N3 ? ? ? 1_555 A DA 4 N1 ? ? A DT 3 A DA 4 8_665 ? ? ? ? ? ? WATSON-CRICK ? ? ? 
hydrog7  hydrog ? ? A DT 3 O4 ? ? ? 1_555 A DA 4 N6 ? ? A DT 3 A DA 4 8_665 ? ? ? ? ? ? WATSON-CRICK ? ? ? 
hydrog8  hydrog ? ? A DA 4 N1 ? ? ? 1_555 A DT 3 N3 ? ? A DA 4 A DT 3 8_665 ? ? ? ? ? ? WATSON-CRICK ? ? ? 
hydrog9  hydrog ? ? A DA 4 N6 ? ? ? 1_555 A DT 3 O4 ? ? A DA 4 A DT 3 8_665 ? ? ? ? ? ? WATSON-CRICK ? ? ? 
hydrog10 hydrog ? ? A DC 5 N3 ? ? ? 1_555 A DG 2 N1 ? ? A DC 5 A DG 2 8_665 ? ? ? ? ? ? WATSON-CRICK ? ? ? 
hydrog11 hydrog ? ? A DC 5 N4 ? ? ? 1_555 A DG 2 O6 ? ? A DC 5 A DG 2 8_665 ? ? ? ? ? ? WATSON-CRICK ? ? ? 
hydrog12 hydrog ? ? A DC 5 O2 ? ? ? 1_555 A DG 2 N2 ? ? A DC 5 A DG 2 8_665 ? ? ? ? ? ? WATSON-CRICK ? ? ? 
hydrog13 hydrog ? ? A DA 6 N1 ? ? ? 1_555 A DT 1 N3 ? ? A DA 6 A DT 1 8_665 ? ? ? ? ? ? WATSON-CRICK ? ? ? 
hydrog14 hydrog ? ? A DA 6 N6 ? ? ? 1_555 A DT 1 O4 ? ? A DA 6 A DT 1 8_665 ? ? ? ? ? ? WATSON-CRICK ? ? ? 
# 
_struct_conn_type.id          hydrog 
_struct_conn_type.criteria    ? 
_struct_conn_type.reference   ? 
# 
loop_
_struct_site.id 
_struct_site.pdbx_evidence_code 
_struct_site.pdbx_auth_asym_id 
_struct_site.pdbx_auth_comp_id 
_struct_site.pdbx_auth_seq_id 
_struct_site.pdbx_auth_ins_code 
_struct_site.pdbx_num_residues 
_struct_site.details 
AC1 Software A DM1 7 ? 10 'BINDING SITE FOR RESIDUE DM1 A 7' 
1   ?        ? ?   ? ? ?  ?                                  
# 
loop_
_struct_site_gen.id 
_struct_site_gen.site_id 
_struct_site_gen.pdbx_num_res 
_struct_site_gen.label_comp_id 
_struct_site_gen.label_asym_id 
_struct_site_gen.label_seq_id 
_struct_site_gen.pdbx_auth_ins_code 
_struct_site_gen.auth_comp_id 
_struct_site_gen.auth_asym_id 
_struct_site_gen.auth_seq_id 
_struct_site_gen.label_atom_id 
_struct_site_gen.label_alt_id 
_struct_site_gen.symmetry 
_struct_site_gen.details 
1  AC1 10 DT  A 1 ? DT  A 1  . ? 8_665 ? 
2  AC1 10 DG  A 2 ? DG  A 2  . ? 8_665 ? 
3  AC1 10 DT  A 3 ? DT  A 3  . ? 8_665 ? 
4  AC1 10 DC  A 5 ? DC  A 5  . ? 1_555 ? 
5  AC1 10 DA  A 6 ? DA  A 6  . ? 1_555 ? 
6  AC1 10 HOH C . ? HOH A 15 . ? 1_555 ? 
7  AC1 10 HOH C . ? HOH A 20 . ? 8_665 ? 
8  AC1 10 HOH C . ? HOH A 22 . ? 1_555 ? 
9  AC1 10 HOH C . ? HOH A 36 . ? 8_665 ? 
10 AC1 10 HOH C . ? HOH A 40 . ? 1_555 ? 
# 
_pdbx_validate_close_contact.id               1 
_pdbx_validate_close_contact.PDB_model_num    1 
_pdbx_validate_close_contact.auth_atom_id_1   O 
_pdbx_validate_close_contact.auth_asym_id_1   A 
_pdbx_validate_close_contact.auth_comp_id_1   HOH 
_pdbx_validate_close_contact.auth_seq_id_1    15 
_pdbx_validate_close_contact.PDB_ins_code_1   ? 
_pdbx_validate_close_contact.label_alt_id_1   ? 
_pdbx_validate_close_contact.auth_atom_id_2   O 
_pdbx_validate_close_contact.auth_asym_id_2   A 
_pdbx_validate_close_contact.auth_comp_id_2   HOH 
_pdbx_validate_close_contact.auth_seq_id_2    51 
_pdbx_validate_close_contact.PDB_ins_code_2   ? 
_pdbx_validate_close_contact.label_alt_id_2   ? 
_pdbx_validate_close_contact.dist             2.09 
# 
loop_
_pdbx_validate_rmsd_bond.id 
_pdbx_validate_rmsd_bond.PDB_model_num 
_pdbx_validate_rmsd_bond.auth_atom_id_1 
_pdbx_validate_rmsd_bond.auth_asym_id_1 
_pdbx_validate_rmsd_bond.auth_comp_id_1 
_pdbx_validate_rmsd_bond.auth_seq_id_1 
_pdbx_validate_rmsd_bond.PDB_ins_code_1 
_pdbx_validate_rmsd_bond.label_alt_id_1 
_pdbx_validate_rmsd_bond.auth_atom_id_2 
_pdbx_validate_rmsd_bond.auth_asym_id_2 
_pdbx_validate_rmsd_bond.auth_comp_id_2 
_pdbx_validate_rmsd_bond.auth_seq_id_2 
_pdbx_validate_rmsd_bond.PDB_ins_code_2 
_pdbx_validate_rmsd_bond.label_alt_id_2 
_pdbx_validate_rmsd_bond.bond_value 
_pdbx_validate_rmsd_bond.bond_target_value 
_pdbx_validate_rmsd_bond.bond_deviation 
_pdbx_validate_rmsd_bond.bond_standard_deviation 
_pdbx_validate_rmsd_bond.linker_flag 
1  1 "C5'" A DT 1 ? ? "C4'" A DT 1 ? ? 1.599 1.512 0.087  0.007 N 
2  1 N3    A DT 1 ? ? C4    A DT 1 ? ? 1.314 1.382 -0.068 0.008 N 
3  1 C4    A DT 1 ? ? C5    A DT 1 ? ? 1.366 1.445 -0.079 0.009 N 
4  1 C5    A DT 1 ? ? C6    A DT 1 ? ? 1.262 1.339 -0.077 0.007 N 
5  1 C4    A DT 1 ? ? O4    A DT 1 ? ? 1.290 1.228 0.062  0.009 N 
6  1 P     A DG 2 ? ? OP2   A DG 2 ? ? 1.603 1.485 0.118  0.017 N 
7  1 "C4'" A DG 2 ? ? "C3'" A DG 2 ? ? 1.594 1.529 0.065  0.010 N 
8  1 "O4'" A DG 2 ? ? "C4'" A DG 2 ? ? 1.383 1.446 -0.063 0.010 N 
9  1 N1    A DG 2 ? ? C2    A DG 2 ? ? 1.261 1.373 -0.112 0.008 N 
10 1 N3    A DG 2 ? ? C4    A DG 2 ? ? 1.396 1.350 0.046  0.007 N 
11 1 C4    A DG 2 ? ? C5    A DG 2 ? ? 1.422 1.379 0.043  0.007 N 
12 1 C5    A DG 2 ? ? N7    A DG 2 ? ? 1.465 1.388 0.077  0.006 N 
13 1 N9    A DG 2 ? ? C4    A DG 2 ? ? 1.436 1.375 0.061  0.008 N 
14 1 C2    A DG 2 ? ? N2    A DG 2 ? ? 1.267 1.341 -0.074 0.010 N 
15 1 C2    A DT 3 ? ? N3    A DT 3 ? ? 1.425 1.373 0.052  0.008 N 
16 1 N3    A DT 3 ? ? C4    A DT 3 ? ? 1.243 1.382 -0.139 0.008 N 
17 1 C4    A DT 3 ? ? C5    A DT 3 ? ? 1.356 1.445 -0.089 0.009 N 
18 1 C2    A DT 3 ? ? O2    A DT 3 ? ? 1.360 1.220 0.140  0.008 N 
19 1 P     A DA 4 ? ? OP2   A DA 4 ? ? 1.613 1.485 0.128  0.017 N 
20 1 P     A DA 4 ? ? "O5'" A DA 4 ? ? 1.506 1.593 -0.087 0.010 N 
21 1 "O3'" A DA 4 ? ? "C3'" A DA 4 ? ? 1.377 1.419 -0.042 0.006 N 
22 1 N1    A DA 4 ? ? C2    A DA 4 ? ? 1.283 1.339 -0.056 0.009 N 
23 1 N3    A DA 4 ? ? C4    A DA 4 ? ? 1.303 1.344 -0.041 0.006 N 
24 1 "C2'" A DC 5 ? ? "C1'" A DC 5 ? ? 1.607 1.519 0.088  0.010 N 
25 1 C2    A DC 5 ? ? O2    A DC 5 ? ? 1.322 1.240 0.082  0.009 N 
26 1 C5    A DC 5 ? ? C6    A DC 5 ? ? 1.401 1.339 0.062  0.008 N 
27 1 "O3'" A DA 6 ? ? "C3'" A DA 6 ? ? 1.381 1.419 -0.038 0.006 N 
28 1 N9    A DA 6 ? ? C4    A DA 6 ? ? 1.338 1.374 -0.036 0.006 N 
# 
loop_
_pdbx_validate_rmsd_angle.id 
_pdbx_validate_rmsd_angle.PDB_model_num 
_pdbx_validate_rmsd_angle.auth_atom_id_1 
_pdbx_validate_rmsd_angle.auth_asym_id_1 
_pdbx_validate_rmsd_angle.auth_comp_id_1 
_pdbx_validate_rmsd_angle.auth_seq_id_1 
_pdbx_validate_rmsd_angle.PDB_ins_code_1 
_pdbx_validate_rmsd_angle.label_alt_id_1 
_pdbx_validate_rmsd_angle.auth_atom_id_2 
_pdbx_validate_rmsd_angle.auth_asym_id_2 
_pdbx_validate_rmsd_angle.auth_comp_id_2 
_pdbx_validate_rmsd_angle.auth_seq_id_2 
_pdbx_validate_rmsd_angle.PDB_ins_code_2 
_pdbx_validate_rmsd_angle.label_alt_id_2 
_pdbx_validate_rmsd_angle.auth_atom_id_3 
_pdbx_validate_rmsd_angle.auth_asym_id_3 
_pdbx_validate_rmsd_angle.auth_comp_id_3 
_pdbx_validate_rmsd_angle.auth_seq_id_3 
_pdbx_validate_rmsd_angle.PDB_ins_code_3 
_pdbx_validate_rmsd_angle.label_alt_id_3 
_pdbx_validate_rmsd_angle.angle_value 
_pdbx_validate_rmsd_angle.angle_target_value 
_pdbx_validate_rmsd_angle.angle_deviation 
_pdbx_validate_rmsd_angle.angle_standard_deviation 
_pdbx_validate_rmsd_angle.linker_flag 
1  1 "O5'" A DT 1 ? ? "C5'" A DT 1 ? ? "C4'" A DT 1 ? ? 98.20  109.40 -11.20 0.80 N 
2  1 "O4'" A DT 1 ? ? "C1'" A DT 1 ? ? "C2'" A DT 1 ? ? 99.88  105.90 -6.02  0.80 N 
3  1 "O4'" A DT 1 ? ? "C1'" A DT 1 ? ? N1    A DT 1 ? ? 113.14 108.30 4.84   0.30 N 
4  1 N3    A DT 1 ? ? C4    A DT 1 ? ? C5    A DT 1 ? ? 120.27 115.20 5.07   0.60 N 
5  1 N3    A DT 1 ? ? C2    A DT 1 ? ? O2    A DT 1 ? ? 126.72 122.30 4.42   0.60 N 
6  1 N3    A DT 1 ? ? C4    A DT 1 ? ? O4    A DT 1 ? ? 116.08 119.90 -3.82  0.60 N 
7  1 "O3'" A DT 1 ? ? P     A DG 2 ? ? OP1   A DG 2 ? ? 89.12  105.20 -16.08 2.20 Y 
8  1 "O5'" A DG 2 ? ? P     A DG 2 ? ? OP2   A DG 2 ? ? 120.29 110.70 9.59   1.20 N 
9  1 P     A DG 2 ? ? "O5'" A DG 2 ? ? "C5'" A DG 2 ? ? 103.57 120.90 -17.33 1.60 N 
10 1 "O4'" A DG 2 ? ? "C4'" A DG 2 ? ? "C3'" A DG 2 ? ? 116.03 106.00 10.03  0.60 N 
11 1 "C5'" A DG 2 ? ? "C4'" A DG 2 ? ? "C3'" A DG 2 ? ? 102.64 114.10 -11.46 1.80 N 
12 1 "C1'" A DG 2 ? ? "O4'" A DG 2 ? ? "C4'" A DG 2 ? ? 101.19 110.10 -8.91  1.00 N 
13 1 "C4'" A DG 2 ? ? "C3'" A DG 2 ? ? "C2'" A DG 2 ? ? 96.15  102.20 -6.05  0.70 N 
14 1 C6    A DG 2 ? ? N1    A DG 2 ? ? C2    A DG 2 ? ? 136.93 125.10 11.83  0.60 N 
15 1 C2    A DG 2 ? ? N3    A DG 2 ? ? C4    A DG 2 ? ? 108.08 111.90 -3.82  0.50 N 
16 1 C5    A DG 2 ? ? C6    A DG 2 ? ? N1    A DG 2 ? ? 104.38 111.50 -7.12  0.50 N 
17 1 C4    A DG 2 ? ? C5    A DG 2 ? ? N7    A DG 2 ? ? 114.93 110.80 4.13   0.40 N 
18 1 C5    A DG 2 ? ? N7    A DG 2 ? ? C8    A DG 2 ? ? 96.71  104.30 -7.59  0.50 N 
19 1 N7    A DG 2 ? ? C8    A DG 2 ? ? N9    A DG 2 ? ? 121.81 113.10 8.71   0.50 N 
20 1 N9    A DG 2 ? ? C4    A DG 2 ? ? C5    A DG 2 ? ? 101.01 105.40 -4.39  0.40 N 
21 1 N3    A DG 2 ? ? C4    A DG 2 ? ? N9    A DG 2 ? ? 129.92 126.00 3.92   0.60 N 
22 1 N1    A DG 2 ? ? C6    A DG 2 ? ? O6    A DG 2 ? ? 137.50 119.90 17.60  0.60 N 
23 1 C5    A DG 2 ? ? C6    A DG 2 ? ? O6    A DG 2 ? ? 117.99 128.60 -10.61 0.60 N 
24 1 C8    A DG 2 ? ? N9    A DG 2 ? ? "C1'" A DG 2 ? ? 136.93 127.00 9.93   1.30 N 
25 1 C4    A DG 2 ? ? N9    A DG 2 ? ? "C1'" A DG 2 ? ? 117.54 126.50 -8.96  1.30 N 
26 1 "C3'" A DG 2 ? ? "O3'" A DG 2 ? ? P     A DT 3 ? ? 136.30 119.70 16.60  1.20 Y 
27 1 OP1   A DT 3 ? ? P     A DT 3 ? ? OP2   A DT 3 ? ? 129.81 119.60 10.21  1.50 N 
28 1 "O5'" A DT 3 ? ? "C5'" A DT 3 ? ? "C4'" A DT 3 ? ? 102.10 109.40 -7.30  0.80 N 
29 1 P     A DT 3 ? ? "O5'" A DT 3 ? ? "C5'" A DT 3 ? ? 109.41 120.90 -11.49 1.60 N 
30 1 "C5'" A DT 3 ? ? "C4'" A DT 3 ? ? "O4'" A DT 3 ? ? 116.51 109.80 6.71   1.10 N 
31 1 N1    A DT 3 ? ? "C1'" A DT 3 ? ? "C2'" A DT 3 ? ? 101.12 112.60 -11.48 1.90 N 
32 1 C6    A DT 3 ? ? N1    A DT 3 ? ? C2    A DT 3 ? ? 114.47 121.30 -6.83  0.50 N 
33 1 C2    A DT 3 ? ? N3    A DT 3 ? ? C4    A DT 3 ? ? 120.86 127.20 -6.34  0.60 N 
34 1 N3    A DT 3 ? ? C4    A DT 3 ? ? C5    A DT 3 ? ? 123.05 115.20 7.85   0.60 N 
35 1 N1    A DT 3 ? ? C2    A DT 3 ? ? O2    A DT 3 ? ? 114.22 123.10 -8.88  0.80 N 
36 1 N3    A DT 3 ? ? C2    A DT 3 ? ? O2    A DT 3 ? ? 127.77 122.30 5.47   0.60 N 
37 1 N3    A DT 3 ? ? C4    A DT 3 ? ? O4    A DT 3 ? ? 113.92 119.90 -5.98  0.60 N 
38 1 C4    A DT 3 ? ? C5    A DT 3 ? ? C7    A DT 3 ? ? 129.15 119.00 10.15  0.60 N 
39 1 C6    A DT 3 ? ? C5    A DT 3 ? ? C7    A DT 3 ? ? 114.54 122.90 -8.36  0.60 N 
40 1 C6    A DT 3 ? ? N1    A DT 3 ? ? "C1'" A DT 3 ? ? 131.25 120.40 10.85  1.50 N 
41 1 "C3'" A DT 3 ? ? "O3'" A DT 3 ? ? P     A DA 4 ? ? 146.18 119.70 26.48  1.20 Y 
42 1 "O3'" A DT 3 ? ? P     A DA 4 ? ? "O5'" A DA 4 ? ? 124.81 104.00 20.81  1.90 Y 
43 1 "O3'" A DT 3 ? ? P     A DA 4 ? ? OP2   A DA 4 ? ? 91.77  105.20 -13.43 2.20 Y 
44 1 OP1   A DA 4 ? ? P     A DA 4 ? ? OP2   A DA 4 ? ? 101.09 119.60 -18.51 1.50 N 
45 1 "O4'" A DA 4 ? ? "C4'" A DA 4 ? ? "C3'" A DA 4 ? ? 111.33 106.00 5.33   0.60 N 
46 1 "C5'" A DA 4 ? ? "C4'" A DA 4 ? ? "O4'" A DA 4 ? ? 116.45 109.80 6.65   1.10 N 
47 1 "C1'" A DA 4 ? ? "O4'" A DA 4 ? ? "C4'" A DA 4 ? ? 103.22 110.10 -6.88  1.00 N 
48 1 "O4'" A DA 4 ? ? "C1'" A DA 4 ? ? "C2'" A DA 4 ? ? 111.41 106.80 4.61   0.50 N 
49 1 "O4'" A DA 4 ? ? "C1'" A DA 4 ? ? N9    A DA 4 ? ? 94.88  108.00 -13.12 0.70 N 
50 1 N9    A DA 4 ? ? C4    A DA 4 ? ? C5    A DA 4 ? ? 103.34 105.80 -2.46  0.40 N 
51 1 N1    A DA 4 ? ? C6    A DA 4 ? ? N6    A DA 4 ? ? 124.74 118.60 6.14   0.60 N 
52 1 "C3'" A DA 4 ? ? "O3'" A DA 4 ? ? P     A DC 5 ? ? 129.47 119.70 9.77   1.20 Y 
53 1 "O3'" A DA 4 ? ? P     A DC 5 ? ? OP2   A DC 5 ? ? 128.61 110.50 18.11  1.10 Y 
54 1 OP1   A DC 5 ? ? P     A DC 5 ? ? OP2   A DC 5 ? ? 92.98  119.60 -26.62 1.50 N 
55 1 "O5'" A DC 5 ? ? P     A DC 5 ? ? OP1   A DC 5 ? ? 133.68 110.70 22.98  1.20 N 
56 1 "O5'" A DC 5 ? ? P     A DC 5 ? ? OP2   A DC 5 ? ? 91.30  105.70 -14.40 0.90 N 
57 1 P     A DC 5 ? ? "O5'" A DC 5 ? ? "C5'" A DC 5 ? ? 106.62 120.90 -14.28 1.60 N 
58 1 "C5'" A DC 5 ? ? "C4'" A DC 5 ? ? "C3'" A DC 5 ? ? 127.76 115.70 12.06  1.20 N 
59 1 "C5'" A DC 5 ? ? "C4'" A DC 5 ? ? "O4'" A DC 5 ? ? 84.97  109.30 -24.33 1.90 N 
60 1 "C3'" A DC 5 ? ? "C2'" A DC 5 ? ? "C1'" A DC 5 ? ? 94.13  102.40 -8.27  0.80 N 
61 1 "O4'" A DC 5 ? ? "C1'" A DC 5 ? ? "C2'" A DC 5 ? ? 94.07  105.90 -11.83 0.80 N 
62 1 "O4'" A DC 5 ? ? "C1'" A DC 5 ? ? N1    A DC 5 ? ? 110.55 108.30 2.25   0.30 N 
63 1 C4    A DC 5 ? ? C5    A DC 5 ? ? C6    A DC 5 ? ? 112.37 117.40 -5.03  0.50 N 
64 1 N3    A DC 5 ? ? C4    A DC 5 ? ? N4    A DC 5 ? ? 126.47 118.00 8.47   0.70 N 
65 1 C5    A DC 5 ? ? C4    A DC 5 ? ? N4    A DC 5 ? ? 110.85 120.20 -9.35  0.70 N 
66 1 "C3'" A DC 5 ? ? "O3'" A DC 5 ? ? P     A DA 6 ? ? 138.21 119.70 18.51  1.20 Y 
67 1 "O3'" A DC 5 ? ? P     A DA 6 ? ? "O5'" A DA 6 ? ? 116.95 104.00 12.95  1.90 Y 
68 1 "O5'" A DA 6 ? ? P     A DA 6 ? ? OP1   A DA 6 ? ? 98.14  105.70 -7.56  0.90 N 
69 1 P     A DA 6 ? ? "O5'" A DA 6 ? ? "C5'" A DA 6 ? ? 110.14 120.90 -10.76 1.60 N 
70 1 "O4'" A DA 6 ? ? "C4'" A DA 6 ? ? "C3'" A DA 6 ? ? 101.37 104.50 -3.13  0.40 N 
71 1 "C2'" A DA 6 ? ? "C3'" A DA 6 ? ? "O3'" A DA 6 ? ? 91.54  109.40 -17.86 2.50 N 
72 1 C6    A DA 6 ? ? N1    A DA 6 ? ? C2    A DA 6 ? ? 123.00 118.60 4.40   0.60 N 
73 1 N1    A DA 6 ? ? C2    A DA 6 ? ? N3    A DA 6 ? ? 125.33 129.30 -3.97  0.50 N 
74 1 C5    A DA 6 ? ? N7    A DA 6 ? ? C8    A DA 6 ? ? 99.70  103.90 -4.20  0.50 N 
75 1 N7    A DA 6 ? ? C8    A DA 6 ? ? N9    A DA 6 ? ? 118.67 113.80 4.87   0.50 N 
# 
_pdbx_validate_chiral.id              1 
_pdbx_validate_chiral.PDB_model_num   1 
_pdbx_validate_chiral.auth_atom_id    "C5'" 
_pdbx_validate_chiral.label_alt_id    ? 
_pdbx_validate_chiral.auth_asym_id    A 
_pdbx_validate_chiral.auth_comp_id    DM1 
_pdbx_validate_chiral.auth_seq_id     7 
_pdbx_validate_chiral.PDB_ins_code    ? 
_pdbx_validate_chiral.details         'WRONG HAND' 
_pdbx_validate_chiral.omega           . 
# 
_struct_site_keywords.site_id   1 
_struct_site_keywords.text      INTERCALATION 
# 
loop_
_refine_B_iso.class 
_refine_B_iso.details 
_refine_B_iso.treatment 
_refine_B_iso.pdbx_refine_id 
'ALL ATOMS'  TR isotropic 'X-RAY DIFFRACTION' 
'ALL WATERS' TR isotropic 'X-RAY DIFFRACTION' 
# 
loop_
_refine_occupancy.class 
_refine_occupancy.treatment 
_refine_occupancy.pdbx_refine_id 
'ALL ATOMS'  fix 'X-RAY DIFFRACTION' 
'ALL WATERS' fix 'X-RAY DIFFRACTION' 
# 
loop_
_chem_comp_atom.comp_id 
_chem_comp_atom.atom_id 
_chem_comp_atom.type_symbol 
_chem_comp_atom.pdbx_aromatic_flag 
_chem_comp_atom.pdbx_stereo_config 
_chem_comp_atom.pdbx_ordinal 
DA  OP3    O N N 1   
DA  P      P N N 2   
DA  OP1    O N N 3   
DA  OP2    O N N 4   
DA  "O5'"  O N N 5   
DA  "C5'"  C N N 6   
DA  "C4'"  C N R 7   
DA  "O4'"  O N N 8   
DA  "C3'"  C N S 9   
DA  "O3'"  O N N 10  
DA  "C2'"  C N N 11  
DA  "C1'"  C N R 12  
DA  N9     N Y N 13  
DA  C8     C Y N 14  
DA  N7     N Y N 15  
DA  C5     C Y N 16  
DA  C6     C Y N 17  
DA  N6     N N N 18  
DA  N1     N Y N 19  
DA  C2     C Y N 20  
DA  N3     N Y N 21  
DA  C4     C Y N 22  
DA  HOP3   H N N 23  
DA  HOP2   H N N 24  
DA  "H5'"  H N N 25  
DA  "H5''" H N N 26  
DA  "H4'"  H N N 27  
DA  "H3'"  H N N 28  
DA  "HO3'" H N N 29  
DA  "H2'"  H N N 30  
DA  "H2''" H N N 31  
DA  "H1'"  H N N 32  
DA  H8     H N N 33  
DA  H61    H N N 34  
DA  H62    H N N 35  
DA  H2     H N N 36  
DC  OP3    O N N 37  
DC  P      P N N 38  
DC  OP1    O N N 39  
DC  OP2    O N N 40  
DC  "O5'"  O N N 41  
DC  "C5'"  C N N 42  
DC  "C4'"  C N R 43  
DC  "O4'"  O N N 44  
DC  "C3'"  C N S 45  
DC  "O3'"  O N N 46  
DC  "C2'"  C N N 47  
DC  "C1'"  C N R 48  
DC  N1     N N N 49  
DC  C2     C N N 50  
DC  O2     O N N 51  
DC  N3     N N N 52  
DC  C4     C N N 53  
DC  N4     N N N 54  
DC  C5     C N N 55  
DC  C6     C N N 56  
DC  HOP3   H N N 57  
DC  HOP2   H N N 58  
DC  "H5'"  H N N 59  
DC  "H5''" H N N 60  
DC  "H4'"  H N N 61  
DC  "H3'"  H N N 62  
DC  "HO3'" H N N 63  
DC  "H2'"  H N N 64  
DC  "H2''" H N N 65  
DC  "H1'"  H N N 66  
DC  H41    H N N 67  
DC  H42    H N N 68  
DC  H5     H N N 69  
DC  H6     H N N 70  
DG  OP3    O N N 71  
DG  P      P N N 72  
DG  OP1    O N N 73  
DG  OP2    O N N 74  
DG  "O5'"  O N N 75  
DG  "C5'"  C N N 76  
DG  "C4'"  C N R 77  
DG  "O4'"  O N N 78  
DG  "C3'"  C N S 79  
DG  "O3'"  O N N 80  
DG  "C2'"  C N N 81  
DG  "C1'"  C N R 82  
DG  N9     N Y N 83  
DG  C8     C Y N 84  
DG  N7     N Y N 85  
DG  C5     C Y N 86  
DG  C6     C N N 87  
DG  O6     O N N 88  
DG  N1     N N N 89  
DG  C2     C N N 90  
DG  N2     N N N 91  
DG  N3     N N N 92  
DG  C4     C Y N 93  
DG  HOP3   H N N 94  
DG  HOP2   H N N 95  
DG  "H5'"  H N N 96  
DG  "H5''" H N N 97  
DG  "H4'"  H N N 98  
DG  "H3'"  H N N 99  
DG  "HO3'" H N N 100 
DG  "H2'"  H N N 101 
DG  "H2''" H N N 102 
DG  "H1'"  H N N 103 
DG  H8     H N N 104 
DG  H1     H N N 105 
DG  H21    H N N 106 
DG  H22    H N N 107 
DM1 C1     C Y N 108 
DM1 C2     C Y N 109 
DM1 C3     C Y N 110 
DM1 C4     C Y N 111 
DM1 O4     O N N 112 
DM1 C5     C Y N 113 
DM1 C6     C N N 114 
DM1 O6     O N N 115 
DM1 C7     C Y N 116 
DM1 C8     C Y N 117 
DM1 O8     O N N 118 
DM1 C9     C Y N 119 
DM1 C10    C N S 120 
DM1 O10    O N N 121 
DM1 C11    C N N 122 
DM1 C12    C N S 123 
DM1 O12    O N N 124 
DM1 C13    C N N 125 
DM1 O13    O N N 126 
DM1 C14    C N N 127 
DM1 C15    C N N 128 
DM1 C16    C Y N 129 
DM1 C17    C Y N 130 
DM1 O17    O N N 131 
DM1 C18    C Y N 132 
DM1 C19    C N N 133 
DM1 O19    O N N 134 
DM1 C20    C Y N 135 
DM1 C21    C N N 136 
DM1 "C1'"  C N R 137 
DM1 "C2'"  C N N 138 
DM1 "C3'"  C N S 139 
DM1 "N3'"  N N N 140 
DM1 "C4'"  C N S 141 
DM1 "O4'"  O N N 142 
DM1 "C5'"  C N S 143 
DM1 "O5'"  O N N 144 
DM1 "C6'"  C N N 145 
DM1 H1     H N N 146 
DM1 H2     H N N 147 
DM1 H3     H N N 148 
DM1 HO8    H N N 149 
DM1 H10    H N N 150 
DM1 H111   H N N 151 
DM1 H112   H N N 152 
DM1 HO12   H N N 153 
DM1 H141   H N N 154 
DM1 H142   H N N 155 
DM1 H143   H N N 156 
DM1 H151   H N N 157 
DM1 H152   H N N 158 
DM1 HO17   H N N 159 
DM1 H211   H N N 160 
DM1 H212   H N N 161 
DM1 H213   H N N 162 
DM1 "H1'"  H N N 163 
DM1 "H2'1" H N N 164 
DM1 "H2'2" H N N 165 
DM1 "H3'"  H N N 166 
DM1 "HN'1" H N N 167 
DM1 "HN'2" H N N 168 
DM1 "H4'"  H N N 169 
DM1 "HO4'" H N N 170 
DM1 "H5'"  H N N 171 
DM1 "H6'1" H N N 172 
DM1 "H6'2" H N N 173 
DM1 "H6'3" H N N 174 
DT  OP3    O N N 175 
DT  P      P N N 176 
DT  OP1    O N N 177 
DT  OP2    O N N 178 
DT  "O5'"  O N N 179 
DT  "C5'"  C N N 180 
DT  "C4'"  C N R 181 
DT  "O4'"  O N N 182 
DT  "C3'"  C N S 183 
DT  "O3'"  O N N 184 
DT  "C2'"  C N N 185 
DT  "C1'"  C N R 186 
DT  N1     N N N 187 
DT  C2     C N N 188 
DT  O2     O N N 189 
DT  N3     N N N 190 
DT  C4     C N N 191 
DT  O4     O N N 192 
DT  C5     C N N 193 
DT  C7     C N N 194 
DT  C6     C N N 195 
DT  HOP3   H N N 196 
DT  HOP2   H N N 197 
DT  "H5'"  H N N 198 
DT  "H5''" H N N 199 
DT  "H4'"  H N N 200 
DT  "H3'"  H N N 201 
DT  "HO3'" H N N 202 
DT  "H2'"  H N N 203 
DT  "H2''" H N N 204 
DT  "H1'"  H N N 205 
DT  H3     H N N 206 
DT  H71    H N N 207 
DT  H72    H N N 208 
DT  H73    H N N 209 
DT  H6     H N N 210 
HOH O      O N N 211 
HOH H1     H N N 212 
HOH H2     H N N 213 
# 
loop_
_chem_comp_bond.comp_id 
_chem_comp_bond.atom_id_1 
_chem_comp_bond.atom_id_2 
_chem_comp_bond.value_order 
_chem_comp_bond.pdbx_aromatic_flag 
_chem_comp_bond.pdbx_stereo_config 
_chem_comp_bond.pdbx_ordinal 
DA  OP3   P      sing N N 1   
DA  OP3   HOP3   sing N N 2   
DA  P     OP1    doub N N 3   
DA  P     OP2    sing N N 4   
DA  P     "O5'"  sing N N 5   
DA  OP2   HOP2   sing N N 6   
DA  "O5'" "C5'"  sing N N 7   
DA  "C5'" "C4'"  sing N N 8   
DA  "C5'" "H5'"  sing N N 9   
DA  "C5'" "H5''" sing N N 10  
DA  "C4'" "O4'"  sing N N 11  
DA  "C4'" "C3'"  sing N N 12  
DA  "C4'" "H4'"  sing N N 13  
DA  "O4'" "C1'"  sing N N 14  
DA  "C3'" "O3'"  sing N N 15  
DA  "C3'" "C2'"  sing N N 16  
DA  "C3'" "H3'"  sing N N 17  
DA  "O3'" "HO3'" sing N N 18  
DA  "C2'" "C1'"  sing N N 19  
DA  "C2'" "H2'"  sing N N 20  
DA  "C2'" "H2''" sing N N 21  
DA  "C1'" N9     sing N N 22  
DA  "C1'" "H1'"  sing N N 23  
DA  N9    C8     sing Y N 24  
DA  N9    C4     sing Y N 25  
DA  C8    N7     doub Y N 26  
DA  C8    H8     sing N N 27  
DA  N7    C5     sing Y N 28  
DA  C5    C6     sing Y N 29  
DA  C5    C4     doub Y N 30  
DA  C6    N6     sing N N 31  
DA  C6    N1     doub Y N 32  
DA  N6    H61    sing N N 33  
DA  N6    H62    sing N N 34  
DA  N1    C2     sing Y N 35  
DA  C2    N3     doub Y N 36  
DA  C2    H2     sing N N 37  
DA  N3    C4     sing Y N 38  
DC  OP3   P      sing N N 39  
DC  OP3   HOP3   sing N N 40  
DC  P     OP1    doub N N 41  
DC  P     OP2    sing N N 42  
DC  P     "O5'"  sing N N 43  
DC  OP2   HOP2   sing N N 44  
DC  "O5'" "C5'"  sing N N 45  
DC  "C5'" "C4'"  sing N N 46  
DC  "C5'" "H5'"  sing N N 47  
DC  "C5'" "H5''" sing N N 48  
DC  "C4'" "O4'"  sing N N 49  
DC  "C4'" "C3'"  sing N N 50  
DC  "C4'" "H4'"  sing N N 51  
DC  "O4'" "C1'"  sing N N 52  
DC  "C3'" "O3'"  sing N N 53  
DC  "C3'" "C2'"  sing N N 54  
DC  "C3'" "H3'"  sing N N 55  
DC  "O3'" "HO3'" sing N N 56  
DC  "C2'" "C1'"  sing N N 57  
DC  "C2'" "H2'"  sing N N 58  
DC  "C2'" "H2''" sing N N 59  
DC  "C1'" N1     sing N N 60  
DC  "C1'" "H1'"  sing N N 61  
DC  N1    C2     sing N N 62  
DC  N1    C6     sing N N 63  
DC  C2    O2     doub N N 64  
DC  C2    N3     sing N N 65  
DC  N3    C4     doub N N 66  
DC  C4    N4     sing N N 67  
DC  C4    C5     sing N N 68  
DC  N4    H41    sing N N 69  
DC  N4    H42    sing N N 70  
DC  C5    C6     doub N N 71  
DC  C5    H5     sing N N 72  
DC  C6    H6     sing N N 73  
DG  OP3   P      sing N N 74  
DG  OP3   HOP3   sing N N 75  
DG  P     OP1    doub N N 76  
DG  P     OP2    sing N N 77  
DG  P     "O5'"  sing N N 78  
DG  OP2   HOP2   sing N N 79  
DG  "O5'" "C5'"  sing N N 80  
DG  "C5'" "C4'"  sing N N 81  
DG  "C5'" "H5'"  sing N N 82  
DG  "C5'" "H5''" sing N N 83  
DG  "C4'" "O4'"  sing N N 84  
DG  "C4'" "C3'"  sing N N 85  
DG  "C4'" "H4'"  sing N N 86  
DG  "O4'" "C1'"  sing N N 87  
DG  "C3'" "O3'"  sing N N 88  
DG  "C3'" "C2'"  sing N N 89  
DG  "C3'" "H3'"  sing N N 90  
DG  "O3'" "HO3'" sing N N 91  
DG  "C2'" "C1'"  sing N N 92  
DG  "C2'" "H2'"  sing N N 93  
DG  "C2'" "H2''" sing N N 94  
DG  "C1'" N9     sing N N 95  
DG  "C1'" "H1'"  sing N N 96  
DG  N9    C8     sing Y N 97  
DG  N9    C4     sing Y N 98  
DG  C8    N7     doub Y N 99  
DG  C8    H8     sing N N 100 
DG  N7    C5     sing Y N 101 
DG  C5    C6     sing N N 102 
DG  C5    C4     doub Y N 103 
DG  C6    O6     doub N N 104 
DG  C6    N1     sing N N 105 
DG  N1    C2     sing N N 106 
DG  N1    H1     sing N N 107 
DG  C2    N2     sing N N 108 
DG  C2    N3     doub N N 109 
DG  N2    H21    sing N N 110 
DG  N2    H22    sing N N 111 
DG  N3    C4     sing N N 112 
DM1 C1    C2     doub Y N 113 
DM1 C1    C20    sing Y N 114 
DM1 C1    H1     sing N N 115 
DM1 C2    C3     sing Y N 116 
DM1 C2    H2     sing N N 117 
DM1 C3    C4     doub Y N 118 
DM1 C3    H3     sing N N 119 
DM1 C4    O4     sing N N 120 
DM1 C4    C5     sing Y N 121 
DM1 O4    C21    sing N N 122 
DM1 C5    C6     sing N N 123 
DM1 C5    C20    doub Y N 124 
DM1 C6    O6     doub N N 125 
DM1 C6    C7     sing N N 126 
DM1 C7    C8     doub Y N 127 
DM1 C7    C18    sing Y N 128 
DM1 C8    O8     sing N N 129 
DM1 C8    C9     sing Y N 130 
DM1 O8    HO8    sing N N 131 
DM1 C9    C10    sing N N 132 
DM1 C9    C16    doub Y N 133 
DM1 C10   O10    sing N N 134 
DM1 C10   C11    sing N N 135 
DM1 C10   H10    sing N N 136 
DM1 O10   "C1'"  sing N N 137 
DM1 C11   C12    sing N N 138 
DM1 C11   H111   sing N N 139 
DM1 C11   H112   sing N N 140 
DM1 C12   O12    sing N N 141 
DM1 C12   C13    sing N N 142 
DM1 C12   C15    sing N N 143 
DM1 O12   HO12   sing N N 144 
DM1 C13   O13    doub N N 145 
DM1 C13   C14    sing N N 146 
DM1 C14   H141   sing N N 147 
DM1 C14   H142   sing N N 148 
DM1 C14   H143   sing N N 149 
DM1 C15   C16    sing N N 150 
DM1 C15   H151   sing N N 151 
DM1 C15   H152   sing N N 152 
DM1 C16   C17    sing Y N 153 
DM1 C17   O17    sing N N 154 
DM1 C17   C18    doub Y N 155 
DM1 O17   HO17   sing N N 156 
DM1 C18   C19    sing N N 157 
DM1 C19   O19    doub N N 158 
DM1 C19   C20    sing N N 159 
DM1 C21   H211   sing N N 160 
DM1 C21   H212   sing N N 161 
DM1 C21   H213   sing N N 162 
DM1 "C1'" "C2'"  sing N N 163 
DM1 "C1'" "O5'"  sing N N 164 
DM1 "C1'" "H1'"  sing N N 165 
DM1 "C2'" "C3'"  sing N N 166 
DM1 "C2'" "H2'1" sing N N 167 
DM1 "C2'" "H2'2" sing N N 168 
DM1 "C3'" "N3'"  sing N N 169 
DM1 "C3'" "C4'"  sing N N 170 
DM1 "C3'" "H3'"  sing N N 171 
DM1 "N3'" "HN'1" sing N N 172 
DM1 "N3'" "HN'2" sing N N 173 
DM1 "C4'" "O4'"  sing N N 174 
DM1 "C4'" "C5'"  sing N N 175 
DM1 "C4'" "H4'"  sing N N 176 
DM1 "O4'" "HO4'" sing N N 177 
DM1 "C5'" "O5'"  sing N N 178 
DM1 "C5'" "C6'"  sing N N 179 
DM1 "C5'" "H5'"  sing N N 180 
DM1 "C6'" "H6'1" sing N N 181 
DM1 "C6'" "H6'2" sing N N 182 
DM1 "C6'" "H6'3" sing N N 183 
DT  OP3   P      sing N N 184 
DT  OP3   HOP3   sing N N 185 
DT  P     OP1    doub N N 186 
DT  P     OP2    sing N N 187 
DT  P     "O5'"  sing N N 188 
DT  OP2   HOP2   sing N N 189 
DT  "O5'" "C5'"  sing N N 190 
DT  "C5'" "C4'"  sing N N 191 
DT  "C5'" "H5'"  sing N N 192 
DT  "C5'" "H5''" sing N N 193 
DT  "C4'" "O4'"  sing N N 194 
DT  "C4'" "C3'"  sing N N 195 
DT  "C4'" "H4'"  sing N N 196 
DT  "O4'" "C1'"  sing N N 197 
DT  "C3'" "O3'"  sing N N 198 
DT  "C3'" "C2'"  sing N N 199 
DT  "C3'" "H3'"  sing N N 200 
DT  "O3'" "HO3'" sing N N 201 
DT  "C2'" "C1'"  sing N N 202 
DT  "C2'" "H2'"  sing N N 203 
DT  "C2'" "H2''" sing N N 204 
DT  "C1'" N1     sing N N 205 
DT  "C1'" "H1'"  sing N N 206 
DT  N1    C2     sing N N 207 
DT  N1    C6     sing N N 208 
DT  C2    O2     doub N N 209 
DT  C2    N3     sing N N 210 
DT  N3    C4     sing N N 211 
DT  N3    H3     sing N N 212 
DT  C4    O4     doub N N 213 
DT  C4    C5     sing N N 214 
DT  C5    C7     sing N N 215 
DT  C5    C6     doub N N 216 
DT  C7    H71    sing N N 217 
DT  C7    H72    sing N N 218 
DT  C7    H73    sing N N 219 
DT  C6    H6     sing N N 220 
HOH O     H1     sing N N 221 
HOH O     H2     sing N N 222 
# 
_ndb_struct_conf_na.entry_id   1VTH 
_ndb_struct_conf_na.feature    'b-form double helix' 
# 
loop_
_ndb_struct_na_base_pair.model_number 
_ndb_struct_na_base_pair.i_label_asym_id 
_ndb_struct_na_base_pair.i_label_comp_id 
_ndb_struct_na_base_pair.i_label_seq_id 
_ndb_struct_na_base_pair.i_symmetry 
_ndb_struct_na_base_pair.j_label_asym_id 
_ndb_struct_na_base_pair.j_label_comp_id 
_ndb_struct_na_base_pair.j_label_seq_id 
_ndb_struct_na_base_pair.j_symmetry 
_ndb_struct_na_base_pair.shear 
_ndb_struct_na_base_pair.stretch 
_ndb_struct_na_base_pair.stagger 
_ndb_struct_na_base_pair.buckle 
_ndb_struct_na_base_pair.propeller 
_ndb_struct_na_base_pair.opening 
_ndb_struct_na_base_pair.pair_number 
_ndb_struct_na_base_pair.pair_name 
_ndb_struct_na_base_pair.i_auth_asym_id 
_ndb_struct_na_base_pair.i_auth_seq_id 
_ndb_struct_na_base_pair.i_PDB_ins_code 
_ndb_struct_na_base_pair.j_auth_asym_id 
_ndb_struct_na_base_pair.j_auth_seq_id 
_ndb_struct_na_base_pair.j_PDB_ins_code 
_ndb_struct_na_base_pair.hbond_type_28 
_ndb_struct_na_base_pair.hbond_type_12 
1 A DT 1 1_555 A DA 6 8_665 0.179  -0.255 0.050  10.500  -1.174 0.364  1 A_DT1:DA6_A A 1 ? A 6 ? 20 1 
1 A DG 2 1_555 A DC 5 8_665 -0.048 -0.313 -0.659 -19.808 5.486  -2.919 2 A_DG2:DC5_A A 2 ? A 5 ? 19 1 
1 A DT 3 1_555 A DA 4 8_665 -0.313 -0.195 0.057  -4.833  -7.888 6.036  3 A_DT3:DA4_A A 3 ? A 4 ? 20 1 
1 A DA 4 1_555 A DT 3 8_665 0.313  -0.195 0.057  4.833   -7.888 6.036  4 A_DA4:DT3_A A 4 ? A 3 ? 20 1 
1 A DC 5 1_555 A DG 2 8_665 0.048  -0.313 -0.659 19.808  5.486  -2.919 5 A_DC5:DG2_A A 5 ? A 2 ? 19 1 
1 A DA 6 1_555 A DT 1 8_665 -0.179 -0.255 0.050  -10.500 -1.174 0.364  6 A_DA6:DT1_A A 6 ? A 1 ? 20 1 
# 
loop_
_ndb_struct_na_base_pair_step.model_number 
_ndb_struct_na_base_pair_step.i_label_asym_id_1 
_ndb_struct_na_base_pair_step.i_label_comp_id_1 
_ndb_struct_na_base_pair_step.i_label_seq_id_1 
_ndb_struct_na_base_pair_step.i_symmetry_1 
_ndb_struct_na_base_pair_step.j_label_asym_id_1 
_ndb_struct_na_base_pair_step.j_label_comp_id_1 
_ndb_struct_na_base_pair_step.j_label_seq_id_1 
_ndb_struct_na_base_pair_step.j_symmetry_1 
_ndb_struct_na_base_pair_step.i_label_asym_id_2 
_ndb_struct_na_base_pair_step.i_label_comp_id_2 
_ndb_struct_na_base_pair_step.i_label_seq_id_2 
_ndb_struct_na_base_pair_step.i_symmetry_2 
_ndb_struct_na_base_pair_step.j_label_asym_id_2 
_ndb_struct_na_base_pair_step.j_label_comp_id_2 
_ndb_struct_na_base_pair_step.j_label_seq_id_2 
_ndb_struct_na_base_pair_step.j_symmetry_2 
_ndb_struct_na_base_pair_step.shift 
_ndb_struct_na_base_pair_step.slide 
_ndb_struct_na_base_pair_step.rise 
_ndb_struct_na_base_pair_step.tilt 
_ndb_struct_na_base_pair_step.roll 
_ndb_struct_na_base_pair_step.twist 
_ndb_struct_na_base_pair_step.x_displacement 
_ndb_struct_na_base_pair_step.y_displacement 
_ndb_struct_na_base_pair_step.helical_rise 
_ndb_struct_na_base_pair_step.inclination 
_ndb_struct_na_base_pair_step.tip 
_ndb_struct_na_base_pair_step.helical_twist 
_ndb_struct_na_base_pair_step.step_number 
_ndb_struct_na_base_pair_step.step_name 
_ndb_struct_na_base_pair_step.i_auth_asym_id_1 
_ndb_struct_na_base_pair_step.i_auth_seq_id_1 
_ndb_struct_na_base_pair_step.i_PDB_ins_code_1 
_ndb_struct_na_base_pair_step.j_auth_asym_id_1 
_ndb_struct_na_base_pair_step.j_auth_seq_id_1 
_ndb_struct_na_base_pair_step.j_PDB_ins_code_1 
_ndb_struct_na_base_pair_step.i_auth_asym_id_2 
_ndb_struct_na_base_pair_step.i_auth_seq_id_2 
_ndb_struct_na_base_pair_step.i_PDB_ins_code_2 
_ndb_struct_na_base_pair_step.j_auth_asym_id_2 
_ndb_struct_na_base_pair_step.j_auth_seq_id_2 
_ndb_struct_na_base_pair_step.j_PDB_ins_code_2 
1 A DT 1 1_555 A DA 6 8_665 A DG 2 1_555 A DC 5 8_665 0.886  1.434  7.179 3.524  -2.692 35.521 3.182  -0.330 7.107 -4.391 -5.749  
35.788 1 AA_DT1DG2:DC5DA6_AA A 1 ? A 6 ? A 2 ? A 5 ? 
1 A DG 2 1_555 A DC 5 8_665 A DT 3 1_555 A DA 4 8_665 -0.881 0.026  2.992 -5.261 -2.083 27.033 0.531  0.642  3.094 -4.396 11.100  
27.608 2 AA_DG2DT3:DA4DC5_AA A 2 ? A 5 ? A 3 ? A 4 ? 
1 A DT 3 1_555 A DA 4 8_665 A DA 4 1_555 A DT 3 8_665 0.000  -0.070 3.257 0.000  9.827  40.574 -1.128 0.000  3.157 13.925 0.000   
41.698 3 AA_DT3DA4:DT3DA4_AA A 3 ? A 4 ? A 4 ? A 3 ? 
1 A DA 4 1_555 A DT 3 8_665 A DC 5 1_555 A DG 2 8_665 0.881  0.026  2.992 5.261  -2.083 27.033 0.531  -0.642 3.094 -4.396 -11.101 
27.608 4 AA_DA4DC5:DG2DT3_AA A 4 ? A 3 ? A 5 ? A 2 ? 
1 A DC 5 1_555 A DG 2 8_665 A DA 6 1_555 A DT 1 8_665 -0.886 1.434  7.179 -3.524 -2.692 35.521 3.182  0.330  7.107 -4.391 5.749   
35.788 5 AA_DC5DA6:DT1DG2_AA A 5 ? A 2 ? A 6 ? A 1 ? 
# 
_atom_sites.entry_id                    1VTH 
_atom_sites.fract_transf_matrix[1][1]   -0.02158463 
_atom_sites.fract_transf_matrix[1][2]   0.01644110 
_atom_sites.fract_transf_matrix[1][3]   0.02318402 
_atom_sites.fract_transf_matrix[2][1]   0.02223959 
_atom_sites.fract_transf_matrix[2][2]   0.02789723 
_atom_sites.fract_transf_matrix[2][3]   0.00092186 
_atom_sites.fract_transf_matrix[3][1]   -0.00940797 
_atom_sites.fract_transf_matrix[3][2]   0.00797636 
_atom_sites.fract_transf_matrix[3][3]   -0.01441543 
_atom_sites.fract_transf_vector[1]      0.391559 
_atom_sites.fract_transf_vector[2]      0.462906 
_atom_sites.fract_transf_vector[3]      0.221211 
# 
loop_
_atom_type.symbol 
C 
N 
O 
P 
# 
loop_
_atom_site.group_PDB 
_atom_site.id 
_atom_site.type_symbol 
_atom_site.label_atom_id 
_atom_site.label_alt_id 
_atom_site.label_comp_id 
_atom_site.label_asym_id 
_atom_site.label_entity_id 
_atom_site.label_seq_id 
_atom_site.pdbx_PDB_ins_code 
_atom_site.Cartn_x 
_atom_site.Cartn_y 
_atom_site.Cartn_z 
_atom_site.occupancy 
_atom_site.B_iso_or_equiv 
_atom_site.pdbx_formal_charge 
_atom_site.auth_seq_id 
_atom_site.auth_comp_id 
_atom_site.auth_asym_id 
_atom_site.auth_atom_id 
_atom_site.pdbx_PDB_model_num 
ATOM   1   O "O5'" . DT  A 1 1 ? -13.057 4.098  -3.921  1.00 26.06 ? 1  DT  A "O5'" 1 
ATOM   2   C "C5'" . DT  A 1 1 ? -14.145 3.658  -4.821  1.00 4.85  ? 1  DT  A "C5'" 1 
ATOM   3   C "C4'" . DT  A 1 1 ? -13.242 3.129  -6.029  1.00 5.43  ? 1  DT  A "C4'" 1 
ATOM   4   O "O4'" . DT  A 1 1 ? -12.839 4.357  -6.618  1.00 12.60 ? 1  DT  A "O4'" 1 
ATOM   5   C "C3'" . DT  A 1 1 ? -11.963 2.387  -5.749  1.00 17.14 ? 1  DT  A "C3'" 1 
ATOM   6   O "O3'" . DT  A 1 1 ? -11.499 1.381  -6.664  1.00 17.04 ? 1  DT  A "O3'" 1 
ATOM   7   C "C2'" . DT  A 1 1 ? -10.943 3.584  -5.613  1.00 14.13 ? 1  DT  A "C2'" 1 
ATOM   8   C "C1'" . DT  A 1 1 ? -11.394 4.444  -6.785  1.00 2.34  ? 1  DT  A "C1'" 1 
ATOM   9   N N1    . DT  A 1 1 ? -10.853 5.796  -6.494  1.00 9.93  ? 1  DT  A N1    1 
ATOM   10  C C2    . DT  A 1 1 ? -9.741  6.196  -7.221  1.00 5.34  ? 1  DT  A C2    1 
ATOM   11  O O2    . DT  A 1 1 ? -9.225  5.424  -8.053  1.00 4.20  ? 1  DT  A O2    1 
ATOM   12  N N3    . DT  A 1 1 ? -9.302  7.408  -6.878  1.00 2.93  ? 1  DT  A N3    1 
ATOM   13  C C4    . DT  A 1 1 ? -9.858  8.213  -6.001  1.00 3.12  ? 1  DT  A C4    1 
ATOM   14  O O4    . DT  A 1 1 ? -9.280  9.353  -5.830  1.00 1.89  ? 1  DT  A O4    1 
ATOM   15  C C5    . DT  A 1 1 ? -10.955 7.808  -5.294  1.00 2.60  ? 1  DT  A C5    1 
ATOM   16  C C7    . DT  A 1 1 ? -11.616 8.725  -4.272  1.00 3.29  ? 1  DT  A C7    1 
ATOM   17  C C6    . DT  A 1 1 ? -11.394 6.646  -5.512  1.00 3.63  ? 1  DT  A C6    1 
ATOM   18  P P     . DG  A 1 2 ? -11.815 -0.159 -6.359  1.00 16.02 ? 2  DG  A P     1 
ATOM   19  O OP1   . DG  A 1 2 ? -12.202 -0.339 -7.787  1.00 26.80 ? 2  DG  A OP1   1 
ATOM   20  O OP2   . DG  A 1 2 ? -12.893 0.005  -5.184  1.00 14.71 ? 2  DG  A OP2   1 
ATOM   21  O "O5'" . DG  A 1 2 ? -10.457 -0.964 -6.102  1.00 18.05 ? 2  DG  A "O5'" 1 
ATOM   22  C "C5'" . DG  A 1 2 ? -9.391  -0.023 -6.597  1.00 11.33 ? 2  DG  A "C5'" 1 
ATOM   23  C "C4'" . DG  A 1 2 ? -7.994  -0.167 -6.027  1.00 7.47  ? 2  DG  A "C4'" 1 
ATOM   24  O "O4'" . DG  A 1 2 ? -7.548  0.993  -5.420  1.00 9.23  ? 2  DG  A "O4'" 1 
ATOM   25  C "C3'" . DG  A 1 2 ? -8.132  -1.443 -5.082  1.00 5.87  ? 2  DG  A "C3'" 1 
ATOM   26  O "O3'" . DG  A 1 2 ? -6.967  -2.234 -5.344  1.00 17.61 ? 2  DG  A "O3'" 1 
ATOM   27  C "C2'" . DG  A 1 2 ? -8.305  -0.666 -3.783  1.00 3.98  ? 2  DG  A "C2'" 1 
ATOM   28  C "C1'" . DG  A 1 2 ? -7.375  0.547  -4.059  1.00 13.24 ? 2  DG  A "C1'" 1 
ATOM   29  N N9    . DG  A 1 2 ? -7.571  1.668  -3.172  1.00 8.57  ? 2  DG  A N9    1 
ATOM   30  C C8    . DG  A 1 2 ? -8.522  2.092  -2.317  1.00 12.20 ? 2  DG  A C8    1 
ATOM   31  N N7    . DG  A 1 2 ? -8.394  3.199  -1.642  1.00 7.91  ? 2  DG  A N7    1 
ATOM   32  C C5    . DG  A 1 2 ? -7.075  3.565  -2.162  1.00 6.45  ? 2  DG  A C5    1 
ATOM   33  C C6    . DG  A 1 2 ? -6.269  4.751  -1.803  1.00 2.96  ? 2  DG  A C6    1 
ATOM   34  O O6    . DG  A 1 2 ? -6.711  5.514  -0.919  1.00 4.46  ? 2  DG  A O6    1 
ATOM   35  N N1    . DG  A 1 2 ? -5.139  4.631  -2.552  1.00 2.73  ? 2  DG  A N1    1 
ATOM   36  C C2    . DG  A 1 2 ? -4.699  3.848  -3.438  1.00 3.70  ? 2  DG  A C2    1 
ATOM   37  N N2    . DG  A 1 2 ? -3.584  4.151  -3.957  1.00 6.22  ? 2  DG  A N2    1 
ATOM   38  N N3    . DG  A 1 2 ? -5.330  2.738  -3.820  1.00 8.62  ? 2  DG  A N3    1 
ATOM   39  C C4    . DG  A 1 2 ? -6.535  2.661  -3.119  1.00 6.30  ? 2  DG  A C4    1 
ATOM   40  P P     . DT  A 1 3 ? -6.337  -3.596 -4.774  1.00 11.69 ? 3  DT  A P     1 
ATOM   41  O OP1   . DT  A 1 3 ? -6.667  -4.458 -5.897  1.00 21.22 ? 3  DT  A OP1   1 
ATOM   42  O OP2   . DT  A 1 3 ? -6.976  -3.494 -3.427  1.00 20.16 ? 3  DT  A OP2   1 
ATOM   43  O "O5'" . DT  A 1 3 ? -4.739  -3.540 -4.823  1.00 9.18  ? 3  DT  A "O5'" 1 
ATOM   44  C "C5'" . DT  A 1 3 ? -4.307  -3.029 -6.133  1.00 9.08  ? 3  DT  A "C5'" 1 
ATOM   45  C "C4'" . DT  A 1 3 ? -3.112  -2.249 -5.781  1.00 2.81  ? 3  DT  A "C4'" 1 
ATOM   46  O "O4'" . DT  A 1 3 ? -3.328  -0.929 -5.360  1.00 12.09 ? 3  DT  A "O4'" 1 
ATOM   47  C "C3'" . DT  A 1 3 ? -2.200  -2.914 -4.719  1.00 8.51  ? 3  DT  A "C3'" 1 
ATOM   48  O "O3'" . DT  A 1 3 ? -0.980  -3.152 -5.437  1.00 13.08 ? 3  DT  A "O3'" 1 
ATOM   49  C "C2'" . DT  A 1 3 ? -1.776  -1.807 -3.772  1.00 11.26 ? 3  DT  A "C2'" 1 
ATOM   50  C "C1'" . DT  A 1 3 ? -2.378  -0.568 -4.365  1.00 8.40  ? 3  DT  A "C1'" 1 
ATOM   51  N N1    . DT  A 1 3 ? -3.091  -0.016 -3.207  1.00 2.18  ? 3  DT  A N1    1 
ATOM   52  C C2    . DT  A 1 3 ? -2.505  1.137  -2.673  1.00 3.19  ? 3  DT  A C2    1 
ATOM   53  O O2    . DT  A 1 3 ? -1.402  1.564  -3.343  1.00 3.91  ? 3  DT  A O2    1 
ATOM   54  N N3    . DT  A 1 3 ? -3.154  1.764  -1.569  1.00 8.27  ? 3  DT  A N3    1 
ATOM   55  C C4    . DT  A 1 3 ? -4.119  1.222  -1.004  1.00 5.39  ? 3  DT  A C4    1 
ATOM   56  O O4    . DT  A 1 3 ? -4.558  1.868  0.001   1.00 3.30  ? 3  DT  A O4    1 
ATOM   57  C C5    . DT  A 1 3 ? -4.707  0.091  -1.467  1.00 7.57  ? 3  DT  A C5    1 
ATOM   58  C C7    . DT  A 1 3 ? -5.939  -0.638 -0.941  1.00 3.68  ? 3  DT  A C7    1 
ATOM   59  C C6    . DT  A 1 3 ? -4.138  -0.477 -2.515  1.00 4.32  ? 3  DT  A C6    1 
ATOM   60  P P     . DA  A 1 4 ? 0.528   -3.598 -5.344  1.00 12.26 ? 4  DA  A P     1 
ATOM   61  O OP1   . DA  A 1 4 ? 1.133   -3.899 -6.724  1.00 12.55 ? 4  DA  A OP1   1 
ATOM   62  O OP2   . DA  A 1 4 ? 0.112   -5.079 -4.858  1.00 7.24  ? 4  DA  A OP2   1 
ATOM   63  O "O5'" . DA  A 1 4 ? 1.569   -2.933 -4.483  1.00 3.02  ? 4  DA  A "O5'" 1 
ATOM   64  C "C5'" . DA  A 1 4 ? 1.920   -1.632 -4.942  1.00 6.36  ? 4  DA  A "C5'" 1 
ATOM   65  C "C4'" . DA  A 1 4 ? 2.690   -0.688 -3.987  1.00 1.91  ? 4  DA  A "C4'" 1 
ATOM   66  O "O4'" . DA  A 1 4 ? 1.872   0.053  -2.980  1.00 7.93  ? 4  DA  A "O4'" 1 
ATOM   67  C "C3'" . DA  A 1 4 ? 3.729   -1.556 -3.320  1.00 4.69  ? 4  DA  A "C3'" 1 
ATOM   68  O "O3'" . DA  A 1 4 ? 5.057   -1.332 -3.606  1.00 17.32 ? 4  DA  A "O3'" 1 
ATOM   69  C "C2'" . DA  A 1 4 ? 3.483   -1.376 -1.874  1.00 4.67  ? 4  DA  A "C2'" 1 
ATOM   70  C "C1'" . DA  A 1 4 ? 2.542   -0.236 -1.732  1.00 9.55  ? 4  DA  A "C1'" 1 
ATOM   71  N N9    . DA  A 1 4 ? 1.286   -0.423 -0.954  1.00 3.70  ? 4  DA  A N9    1 
ATOM   72  C C8    . DA  A 1 4 ? 0.306   -1.427 -1.029  1.00 6.99  ? 4  DA  A C8    1 
ATOM   73  N N7    . DA  A 1 4 ? -0.707  -1.167 -0.301  1.00 2.96  ? 4  DA  A N7    1 
ATOM   74  C C5    . DA  A 1 4 ? -0.386  0.038  0.282   1.00 7.62  ? 4  DA  A C5    1 
ATOM   75  C C6    . DA  A 1 4 ? -1.057  0.842  1.269   1.00 7.51  ? 4  DA  A C6    1 
ATOM   76  N N6    . DA  A 1 4 ? -2.240  0.460  1.760   1.00 7.65  ? 4  DA  A N6    1 
ATOM   77  N N1    . DA  A 1 4 ? -0.414  2.022  1.593   1.00 13.27 ? 4  DA  A N1    1 
ATOM   78  C C2    . DA  A 1 4 ? 0.715   2.322  1.063   1.00 11.04 ? 4  DA  A C2    1 
ATOM   79  N N3    . DA  A 1 4 ? 1.402   1.657  0.185   1.00 13.45 ? 4  DA  A N3    1 
ATOM   80  C C4    . DA  A 1 4 ? 0.814   0.541  -0.140  1.00 11.56 ? 4  DA  A C4    1 
ATOM   81  P P     . DC  A 1 5 ? 6.335   -1.944 -2.940  1.00 12.18 ? 5  DC  A P     1 
ATOM   82  O OP1   . DC  A 1 5 ? 7.433   -1.534 -3.735  1.00 11.78 ? 5  DC  A OP1   1 
ATOM   83  O OP2   . DC  A 1 5 ? 6.763   -3.304 -2.917  1.00 17.15 ? 5  DC  A OP2   1 
ATOM   84  O "O5'" . DC  A 1 5 ? 6.055   -1.967 -1.341  1.00 29.03 ? 5  DC  A "O5'" 1 
ATOM   85  C "C5'" . DC  A 1 5 ? 5.912   -0.697 -0.960  1.00 14.64 ? 5  DC  A "C5'" 1 
ATOM   86  C "C4'" . DC  A 1 5 ? 6.268   -0.537 0.470   1.00 16.41 ? 5  DC  A "C4'" 1 
ATOM   87  O "O4'" . DC  A 1 5 ? 4.887   -0.575 0.691   1.00 8.94  ? 5  DC  A "O4'" 1 
ATOM   88  C "C3'" . DC  A 1 5 ? 6.914   -1.533 1.363   1.00 9.08  ? 5  DC  A "C3'" 1 
ATOM   89  O "O3'" . DC  A 1 5 ? 7.715   -1.164 2.460   1.00 16.67 ? 5  DC  A "O3'" 1 
ATOM   90  C "C2'" . DC  A 1 5 ? 5.636   -2.368 1.720   1.00 14.26 ? 5  DC  A "C2'" 1 
ATOM   91  C "C1'" . DC  A 1 5 ? 4.721   -1.074 1.980   1.00 2.08  ? 5  DC  A "C1'" 1 
ATOM   92  N N1    . DC  A 1 5 ? 3.255   -1.398 2.244   1.00 12.83 ? 5  DC  A N1    1 
ATOM   93  C C2    . DC  A 1 5 ? 2.421   -0.487 2.807   1.00 2.99  ? 5  DC  A C2    1 
ATOM   94  O O2    . DC  A 1 5 ? 2.874   0.675  3.245   1.00 6.80  ? 5  DC  A O2    1 
ATOM   95  N N3    . DC  A 1 5 ? 1.180   -0.810 3.056   1.00 3.12  ? 5  DC  A N3    1 
ATOM   96  C C4    . DC  A 1 5 ? 0.677   -1.995 2.652   1.00 1.70  ? 5  DC  A C4    1 
ATOM   97  N N4    . DC  A 1 5 ? -0.584  -2.426 2.821   1.00 7.13  ? 5  DC  A N4    1 
ATOM   98  C C5    . DC  A 1 5 ? 1.462   -2.975 1.986   1.00 2.42  ? 5  DC  A C5    1 
ATOM   99  C C6    . DC  A 1 5 ? 2.771   -2.538 1.749   1.00 3.33  ? 5  DC  A C6    1 
ATOM   100 P P     . DA  A 1 6 ? 9.164   -0.614 2.720   1.00 7.57  ? 6  DA  A P     1 
ATOM   101 O OP1   . DA  A 1 6 ? 9.272   0.705  1.971   1.00 22.61 ? 6  DA  A OP1   1 
ATOM   102 O OP2   . DA  A 1 6 ? 10.027  -1.776 2.506   1.00 15.29 ? 6  DA  A OP2   1 
ATOM   103 O "O5'" . DA  A 1 6 ? 9.477   -0.069 4.183   1.00 2.91  ? 6  DA  A "O5'" 1 
ATOM   104 C "C5'" . DA  A 1 6 ? 8.889   1.253  4.363   1.00 5.35  ? 6  DA  A "C5'" 1 
ATOM   105 C "C4'" . DA  A 1 6 ? 9.138   1.809  5.714   1.00 5.73  ? 6  DA  A "C4'" 1 
ATOM   106 O "O4'" . DA  A 1 6 ? 8.202   1.334  6.659   1.00 5.62  ? 6  DA  A "O4'" 1 
ATOM   107 C "C3'" . DA  A 1 6 ? 10.450  1.459  6.391   1.00 2.57  ? 6  DA  A "C3'" 1 
ATOM   108 O "O3'" . DA  A 1 6 ? 10.561  1.977  7.667   1.00 12.96 ? 6  DA  A "O3'" 1 
ATOM   109 C "C2'" . DA  A 1 6 ? 10.082  0.045  6.952   1.00 4.11  ? 6  DA  A "C2'" 1 
ATOM   110 C "C1'" . DA  A 1 6 ? 8.733   0.400  7.579   1.00 8.22  ? 6  DA  A "C1'" 1 
ATOM   111 N N9    . DA  A 1 6 ? 7.928   -0.853 7.528   1.00 2.52  ? 6  DA  A N9    1 
ATOM   112 C C8    . DA  A 1 6 ? 8.062   -1.953 6.798   1.00 6.75  ? 6  DA  A C8    1 
ATOM   113 N N7    . DA  A 1 6 ? 7.148   -2.914 6.918   1.00 4.50  ? 6  DA  A N7    1 
ATOM   114 C C5    . DA  A 1 6 ? 6.306   -2.322 7.871   1.00 9.63  ? 6  DA  A C5    1 
ATOM   115 C C6    . DA  A 1 6 ? 5.178   -2.790 8.515   1.00 3.08  ? 6  DA  A C6    1 
ATOM   116 N N6    . DA  A 1 6 ? 4.657   -3.983 8.251   1.00 4.04  ? 6  DA  A N6    1 
ATOM   117 N N1    . DA  A 1 6 ? 4.610   -1.954 9.396   1.00 7.40  ? 6  DA  A N1    1 
ATOM   118 C C2    . DA  A 1 6 ? 5.104   -0.726 9.670   1.00 3.61  ? 6  DA  A C2    1 
ATOM   119 N N3    . DA  A 1 6 ? 6.260   -0.196 9.141   1.00 3.44  ? 6  DA  A N3    1 
ATOM   120 C C4    . DA  A 1 6 ? 6.798   -1.036 8.219   1.00 3.06  ? 6  DA  A C4    1 
HETATM 121 C C1    . DM1 B 2 . ? 0.016   -4.505 6.030   1.00 4.93  ? 7  DM1 A C1    1 
HETATM 122 C C2    . DM1 B 2 . ? 0.302   -5.602 5.202   1.00 8.22  ? 7  DM1 A C2    1 
HETATM 123 C C3    . DM1 B 2 . ? 1.416   -5.690 4.516   1.00 7.32  ? 7  DM1 A C3    1 
HETATM 124 C C4    . DM1 B 2 . ? 2.414   -4.704 4.535   1.00 5.11  ? 7  DM1 A C4    1 
HETATM 125 O O4    . DM1 B 2 . ? 3.532   -4.823 3.852   1.00 5.95  ? 7  DM1 A O4    1 
HETATM 126 C C5    . DM1 B 2 . ? 2.226   -3.602 5.359   1.00 10.80 ? 7  DM1 A C5    1 
HETATM 127 C C6    . DM1 B 2 . ? 3.229   -2.448 5.440   1.00 6.35  ? 7  DM1 A C6    1 
HETATM 128 O O6    . DM1 B 2 . ? 4.256   -2.415 4.829   1.00 4.16  ? 7  DM1 A O6    1 
HETATM 129 C C7    . DM1 B 2 . ? 2.802   -1.315 6.310   1.00 6.91  ? 7  DM1 A C7    1 
HETATM 130 C C8    . DM1 B 2 . ? 3.752   -0.223 6.454   1.00 2.35  ? 7  DM1 A C8    1 
HETATM 131 O O8    . DM1 B 2 . ? 4.888   -0.219 5.701   1.00 6.72  ? 7  DM1 A O8    1 
HETATM 132 C C9    . DM1 B 2 . ? 3.478   0.871  7.287   1.00 7.39  ? 7  DM1 A C9    1 
HETATM 133 C C10   . DM1 B 2 . ? 4.338   2.131  7.242   1.00 3.38  ? 7  DM1 A C10   1 
HETATM 134 O O10   . DM1 B 2 . ? 4.147   2.762  6.038   1.00 14.18 ? 7  DM1 A O10   1 
HETATM 135 C C11   . DM1 B 2 . ? 3.775   3.084  8.457   1.00 4.11  ? 7  DM1 A C11   1 
HETATM 136 C C12   . DM1 B 2 . ? 2.376   3.213  8.768   1.00 10.22 ? 7  DM1 A C12   1 
HETATM 137 O O12   . DM1 B 2 . ? 1.795   3.707  7.527   1.00 8.91  ? 7  DM1 A O12   1 
HETATM 138 C C13   . DM1 B 2 . ? 1.853   4.128  9.983   1.00 19.58 ? 7  DM1 A C13   1 
HETATM 139 O O13   . DM1 B 2 . ? 2.490   4.007  10.985  1.00 14.11 ? 7  DM1 A O13   1 
HETATM 140 C C14   . DM1 B 2 . ? 1.316   5.465  9.575   1.00 26.70 ? 7  DM1 A C14   1 
HETATM 141 C C15   . DM1 B 2 . ? 1.863   1.854  8.996   1.00 19.48 ? 7  DM1 A C15   1 
HETATM 142 C C16   . DM1 B 2 . ? 2.301   0.866  8.038   1.00 6.99  ? 7  DM1 A C16   1 
HETATM 143 C C17   . DM1 B 2 . ? 1.341   -0.210 7.890   1.00 3.29  ? 7  DM1 A C17   1 
HETATM 144 O O17   . DM1 B 2 . ? 0.283   -0.234 8.732   1.00 7.54  ? 7  DM1 A O17   1 
HETATM 145 C C18   . DM1 B 2 . ? 1.680   -1.291 7.034   1.00 3.36  ? 7  DM1 A C18   1 
HETATM 146 C C19   . DM1 B 2 . ? 0.730   -2.395 6.968   1.00 3.37  ? 7  DM1 A C19   1 
HETATM 147 O O19   . DM1 B 2 . ? -0.348  -2.483 7.747   1.00 6.32  ? 7  DM1 A O19   1 
HETATM 148 C C20   . DM1 B 2 . ? 1.010   -3.530 6.109   1.00 8.30  ? 7  DM1 A C20   1 
HETATM 149 C C21   . DM1 B 2 . ? 3.780   -6.034 2.944   1.00 3.00  ? 7  DM1 A C21   1 
HETATM 150 C "C1'" . DM1 B 2 . ? 5.378   2.965  5.367   1.00 5.73  ? 7  DM1 A "C1'" 1 
HETATM 151 C "C2'" . DM1 B 2 . ? 5.632   2.740  3.891   1.00 4.27  ? 7  DM1 A "C2'" 1 
HETATM 152 C "C3'" . DM1 B 2 . ? 4.573   3.495  3.120   1.00 6.89  ? 7  DM1 A "C3'" 1 
HETATM 153 N "N3'" . DM1 B 2 . ? 4.430   3.420  1.646   1.00 7.37  ? 7  DM1 A "N3'" 1 
HETATM 154 C "C4'" . DM1 B 2 . ? 4.292   4.944  3.453   1.00 4.37  ? 7  DM1 A "C4'" 1 
HETATM 155 O "O4'" . DM1 B 2 . ? 5.508   5.410  2.870   1.00 21.46 ? 7  DM1 A "O4'" 1 
HETATM 156 C "C5'" . DM1 B 2 . ? 4.903   5.249  4.889   1.00 13.92 ? 7  DM1 A "C5'" 1 
HETATM 157 O "O5'" . DM1 B 2 . ? 5.433   4.381  5.651   1.00 13.50 ? 7  DM1 A "O5'" 1 
HETATM 158 C "C6'" . DM1 B 2 . ? 4.039   6.397  5.413   1.00 7.65  ? 7  DM1 A "C6'" 1 
HETATM 159 O O     . HOH C 3 . ? 7.034   2.538  10.779  1.00 21.49 ? 8  HOH A O     1 
HETATM 160 O O     . HOH C 3 . ? 7.207   -4.590 4.710   1.00 22.37 ? 9  HOH A O     1 
HETATM 161 O O     . HOH C 3 . ? 1.090   -4.791 -0.925  1.00 21.76 ? 10 HOH A O     1 
HETATM 162 O O     . HOH C 3 . ? 10.291  2.139  -3.785  1.00 40.16 ? 11 HOH A O     1 
HETATM 163 O O     . HOH C 3 . ? 8.065   -4.598 2.655   1.00 31.74 ? 12 HOH A O     1 
HETATM 164 O O     . HOH C 3 . ? -1.783  -4.774 1.715   1.00 8.95  ? 13 HOH A O     1 
HETATM 165 O O     . HOH C 3 . ? -12.379 0.070  -2.291  1.00 23.19 ? 14 HOH A O     1 
HETATM 166 O O     . HOH C 3 . ? 6.631   3.843  0.075   1.00 33.44 ? 15 HOH A O     1 
HETATM 167 O O     . HOH C 3 . ? 8.117   -2.490 -6.513  1.00 17.75 ? 16 HOH A O     1 
HETATM 168 O O     . HOH C 3 . ? -7.199  1.767  1.677   1.00 33.09 ? 17 HOH A O     1 
HETATM 169 O O     . HOH C 3 . ? 4.403   -4.742 -0.209  1.00 17.45 ? 18 HOH A O     1 
HETATM 170 O O     . HOH C 3 . ? 3.799   -5.514 -2.427  1.00 56.19 ? 19 HOH A O     1 
HETATM 171 O O     . HOH C 3 . ? -9.655  2.737  -9.891  1.00 26.54 ? 20 HOH A O     1 
HETATM 172 O O     . HOH C 3 . ? -2.616  -1.981 0.512   1.00 28.90 ? 21 HOH A O     1 
HETATM 173 O O     . HOH C 3 . ? 5.937   7.301  1.139   1.00 26.63 ? 22 HOH A O     1 
HETATM 174 O O     . HOH C 3 . ? 9.056   -2.639 -9.280  1.00 33.04 ? 23 HOH A O     1 
HETATM 175 O O     . HOH C 3 . ? -6.669  -5.626 -2.414  1.00 35.56 ? 24 HOH A O     1 
HETATM 176 O O     . HOH C 3 . ? -3.952  -4.537 -1.636  1.00 61.05 ? 25 HOH A O     1 
HETATM 177 O O     . HOH C 3 . ? -13.156 -3.263 -3.463  1.00 47.00 ? 26 HOH A O     1 
HETATM 178 O O     . HOH C 3 . ? -10.144 -3.923 -5.399  1.00 26.44 ? 27 HOH A O     1 
HETATM 179 O O     . HOH C 3 . ? -1.720  -1.458 -9.671  1.00 35.43 ? 28 HOH A O     1 
HETATM 180 O O     . HOH C 3 . ? 0.096   -2.722 -8.739  1.00 25.08 ? 29 HOH A O     1 
HETATM 181 O O     . HOH C 3 . ? 7.683   -5.610 -5.758  1.00 32.81 ? 30 HOH A O     1 
HETATM 182 O O     . HOH C 3 . ? -3.145  -4.638 4.704   1.00 29.89 ? 31 HOH A O     1 
HETATM 183 O O     . HOH C 3 . ? -2.043  -5.177 -2.736  1.00 24.94 ? 32 HOH A O     1 
HETATM 184 O O     . HOH C 3 . ? 5.419   -6.428 6.782   1.00 16.12 ? 33 HOH A O     1 
HETATM 185 O O     . HOH C 3 . ? 2.289   -7.176 8.021   1.00 29.38 ? 34 HOH A O     1 
HETATM 186 O O     . HOH C 3 . ? -5.469  -3.964 1.423   1.00 54.85 ? 35 HOH A O     1 
HETATM 187 O O     . HOH C 3 . ? 1.323   2.345  -3.261  1.00 37.48 ? 36 HOH A O     1 
HETATM 188 O O     . HOH C 3 . ? -9.992  3.584  -0.116  1.00 31.83 ? 37 HOH A O     1 
HETATM 189 O O     . HOH C 3 . ? -10.277 0.684  -11.391 1.00 53.31 ? 38 HOH A O     1 
HETATM 190 O O     . HOH C 3 . ? 8.108   5.534  7.251   1.00 32.86 ? 39 HOH A O     1 
HETATM 191 O O     . HOH C 3 . ? 7.715   4.366  3.969   1.00 40.06 ? 40 HOH A O     1 
HETATM 192 O O     . HOH C 3 . ? 3.346   -2.475 -10.900 1.00 37.94 ? 41 HOH A O     1 
HETATM 193 O O     . HOH C 3 . ? 10.363  0.290  -2.211  1.00 52.77 ? 42 HOH A O     1 
HETATM 194 O O     . HOH C 3 . ? 5.638   8.515  3.226   1.00 52.87 ? 43 HOH A O     1 
HETATM 195 O O     . HOH C 3 . ? -13.188 -1.085 -10.557 1.00 47.14 ? 44 HOH A O     1 
HETATM 196 O O     . HOH C 3 . ? 10.809  -3.792 -3.525  1.00 31.79 ? 45 HOH A O     1 
HETATM 197 O O     . HOH C 3 . ? 9.901   -0.389 -7.771  1.00 42.61 ? 46 HOH A O     1 
HETATM 198 O O     . HOH C 3 . ? -12.039 -6.177 -7.652  1.00 59.54 ? 47 HOH A O     1 
HETATM 199 O O     . HOH C 3 . ? 11.495  -0.188 -0.160  1.00 59.16 ? 48 HOH A O     1 
HETATM 200 O O     . HOH C 3 . ? 10.577  -0.203 -5.140  1.00 37.48 ? 49 HOH A O     1 
HETATM 201 O O     . HOH C 3 . ? 8.165   -8.858 -6.444  1.00 44.31 ? 50 HOH A O     1 
HETATM 202 O O     . HOH C 3 . ? 7.172   3.245  -1.856  1.00 56.83 ? 51 HOH A O     1 
# 
